data_5DYF
#
_entry.id   5DYF
#
_cell.length_a   224.644
_cell.length_b   224.644
_cell.length_c   57.938
_cell.angle_alpha   90.00
_cell.angle_beta   90.00
_cell.angle_gamma   120.00
#
_symmetry.space_group_name_H-M   'H 3'
#
loop_
_entity.id
_entity.type
_entity.pdbx_description
1 polymer 'Aminopeptidase N'
2 non-polymer 'ZINC ION'
3 non-polymer 'SULFATE ION'
4 non-polymer '[(1R)-1-amino-2-(benzylamino)ethyl]phosphonic acid'
5 non-polymer GLYCEROL
6 non-polymer IMIDAZOLE
7 water water
#
_entity_poly.entity_id   1
_entity_poly.type   'polypeptide(L)'
_entity_poly.pdbx_seq_one_letter_code
;(MSE)SKTVHYLKDYQTPAYHILKTDLHFDINEPQTVVKSRLTVEPQRVGEPLVLDGSAKLLSVKINGAAADYVLEGETL
TIAGVPSERFTVEVETEILPAENKSL(MSE)GLYASGGNLFTQCEPEGFRKITFYIDRPDV(MSE)SKFTTTIVADKKRY
PVLLSNGNKIDGGEFSDGRHWVKWEDPFSKPSYLFALVAGDLAVTEDYFTT(MSE)SGRNVKIEFYTTEADKPKVGFAVE
SLKNA(MSE)KWDETRFGLEYDLDIF(MSE)VVAVGDFN(MSE)GA(MSE)ENKGLNIFNTKFVLADSRTATDTDFEGIE
SVVGHEYFHNWTGNRVTCRDWFQLSLKEGLTVFRDQEFSGDRASRAVRRIENIRLLRQHQFPEDAGPTAHPVRPASYEE
(MSE)NNFYT(MSE)TVYEKGAEVVR(MSE)YHTLLGEEGFQKG(MSE)KLYFQRHDGQAVTCDDFRAA(MSE)ADANGI
NLDQFALWYSQAGTPVLEAEGRLKNNIFELTVKQTVPPTPD(MSE)TDKQP(MSE)(MSE)IPVKVGLLNRNGEAVAFDY
QGKRATEAVLLLTEAEQTFLLEGVTEAVVPSLLRGFSAPVHLNYPYSDDDLLLLLAHDSDAFTRWEAAQTLYRRAVAANL
ATLSDGVELPKHEKLLAAVEKVISDDLLDNAFKALLLGVPSEAELWDGAENIDPLRYHQAREALLDTLAVHFLPKWHELN
RQAAKQENQSYEYSPEAAGWRTLRNVCRAFVLRADPAHIETVAEKYGE(MSE)AQN(MSE)THEWGILSAVNGNESDTRN
RLLAQFADKFSDDALV(MSE)DKYFALVGSSRRSDTLQQVRTALQHPKFSLENPNKARSLIGSFSRNVPHFHAEDGSGYR
FIADKVIEIDRFNPQVAARLVQAFNLCNKLEPHRKNLVKQALQRIRAQEGLSKDVGEIVGKILD
;
_entity_poly.pdbx_strand_id   A
#
loop_
_chem_comp.id
_chem_comp.type
_chem_comp.name
_chem_comp.formula
5HR non-polymer '[(1R)-1-amino-2-(benzylamino)ethyl]phosphonic acid' 'C9 H15 N2 O3 P'
GOL non-polymer GLYCEROL 'C3 H8 O3'
IMD non-polymer IMIDAZOLE 'C3 H5 N2 1'
SO4 non-polymer 'SULFATE ION' 'O4 S -2'
ZN non-polymer 'ZINC ION' 'Zn 2'
#
# COMPACT_ATOMS: atom_id res chain seq x y z
N LYS A 3 9.89 2.84 -28.68
CA LYS A 3 9.25 2.50 -27.41
C LYS A 3 8.12 3.48 -27.11
N THR A 4 6.94 2.96 -26.87
CA THR A 4 5.76 3.80 -26.67
C THR A 4 5.73 4.38 -25.26
N VAL A 5 5.65 5.71 -25.20
CA VAL A 5 5.47 6.44 -23.96
C VAL A 5 4.12 7.14 -24.02
N HIS A 6 3.38 7.10 -22.90
CA HIS A 6 2.11 7.79 -22.81
C HIS A 6 2.31 9.13 -22.10
N TYR A 7 1.73 10.19 -22.66
CA TYR A 7 1.88 11.54 -22.11
C TYR A 7 0.54 12.15 -21.73
N LEU A 8 0.48 12.74 -20.54
CA LEU A 8 -0.74 13.36 -20.05
C LEU A 8 -1.15 14.52 -20.95
N LYS A 9 -0.17 15.24 -21.47
CA LYS A 9 -0.46 16.41 -22.29
C LYS A 9 -1.10 16.01 -23.63
N ASP A 10 -1.05 14.73 -23.95
CA ASP A 10 -1.59 14.25 -25.22
C ASP A 10 -3.03 13.75 -25.09
N TYR A 11 -3.60 13.82 -23.89
CA TYR A 11 -4.95 13.31 -23.69
C TYR A 11 -5.92 13.89 -24.72
N GLN A 12 -6.79 13.03 -25.24
CA GLN A 12 -7.84 13.42 -26.15
C GLN A 12 -9.07 12.54 -25.86
N THR A 13 -10.26 13.15 -25.85
CA THR A 13 -11.47 12.37 -25.59
C THR A 13 -11.63 11.28 -26.66
N PRO A 14 -12.33 10.19 -26.31
CA PRO A 14 -12.40 9.07 -27.24
C PRO A 14 -13.25 9.39 -28.48
N ALA A 15 -12.86 8.83 -29.61
CA ALA A 15 -13.60 9.00 -30.84
C ALA A 15 -14.94 8.29 -30.77
N TYR A 16 -15.01 7.25 -29.94
CA TYR A 16 -16.20 6.43 -29.81
C TYR A 16 -16.56 6.18 -28.35
N HIS A 17 -17.86 6.16 -28.09
CA HIS A 17 -18.38 5.71 -26.80
C HIS A 17 -18.98 4.33 -26.95
N ILE A 18 -18.95 3.57 -25.87
CA ILE A 18 -19.65 2.31 -25.80
C ILE A 18 -20.78 2.48 -24.81
N LEU A 19 -22.02 2.41 -25.31
CA LEU A 19 -23.19 2.63 -24.47
C LEU A 19 -23.62 1.39 -23.72
N LYS A 20 -23.49 0.24 -24.38
CA LYS A 20 -23.93 -1.04 -23.82
C LYS A 20 -22.91 -2.12 -24.18
N THR A 21 -22.59 -2.94 -23.20
CA THR A 21 -21.65 -4.03 -23.35
C THR A 21 -22.31 -5.30 -22.88
N ASP A 22 -22.67 -6.16 -23.84
CA ASP A 22 -23.25 -7.46 -23.53
C ASP A 22 -22.17 -8.52 -23.72
N LEU A 23 -21.94 -9.32 -22.70
CA LEU A 23 -20.90 -10.34 -22.74
C LEU A 23 -21.49 -11.74 -22.53
N HIS A 24 -20.91 -12.72 -23.20
CA HIS A 24 -21.31 -14.11 -23.03
C HIS A 24 -20.07 -14.96 -22.83
N PHE A 25 -19.99 -15.63 -21.68
CA PHE A 25 -18.86 -16.50 -21.37
C PHE A 25 -19.28 -17.95 -21.45
N ASP A 26 -18.62 -18.71 -22.31
CA ASP A 26 -18.87 -20.14 -22.43
C ASP A 26 -17.64 -20.87 -21.88
N ILE A 27 -17.72 -21.31 -20.63
CA ILE A 27 -16.57 -21.89 -19.96
C ILE A 27 -16.50 -23.40 -20.23
N ASN A 28 -15.44 -23.84 -20.89
CA ASN A 28 -15.22 -25.26 -21.14
C ASN A 28 -13.84 -25.73 -20.66
N GLU A 29 -13.45 -26.94 -21.06
CA GLU A 29 -12.13 -27.47 -20.73
C GLU A 29 -11.34 -27.74 -22.00
N PRO A 30 -10.20 -27.06 -22.19
CA PRO A 30 -9.58 -26.04 -21.34
C PRO A 30 -10.01 -24.62 -21.68
N GLN A 31 -10.68 -24.41 -22.81
CA GLN A 31 -10.88 -23.05 -23.30
C GLN A 31 -12.18 -22.40 -22.83
N THR A 32 -12.14 -21.08 -22.73
CA THR A 32 -13.32 -20.27 -22.50
C THR A 32 -13.53 -19.40 -23.72
N VAL A 33 -14.74 -19.43 -24.26
CA VAL A 33 -15.06 -18.62 -25.43
C VAL A 33 -15.90 -17.43 -24.99
N VAL A 34 -15.46 -16.25 -25.38
CA VAL A 34 -16.12 -15.01 -25.00
C VAL A 34 -16.72 -14.33 -26.22
N LYS A 35 -18.03 -14.08 -26.15
CA LYS A 35 -18.72 -13.33 -27.20
C LYS A 35 -19.20 -12.00 -26.64
N SER A 36 -19.03 -10.94 -27.42
CA SER A 36 -19.44 -9.61 -27.00
C SER A 36 -20.42 -9.00 -28.00
N ARG A 37 -21.30 -8.14 -27.50
CA ARG A 37 -22.11 -7.25 -28.33
C ARG A 37 -21.93 -5.85 -27.77
N LEU A 38 -21.28 -4.99 -28.53
CA LEU A 38 -21.08 -3.62 -28.11
C LEU A 38 -22.00 -2.71 -28.88
N THR A 39 -22.69 -1.82 -28.17
CA THR A 39 -23.46 -0.77 -28.80
C THR A 39 -22.59 0.46 -28.82
N VAL A 40 -22.16 0.86 -30.01
CA VAL A 40 -21.15 1.90 -30.14
C VAL A 40 -21.76 3.18 -30.69
N GLU A 41 -21.40 4.29 -30.07
CA GLU A 41 -21.90 5.61 -30.43
C GLU A 41 -20.75 6.52 -30.89
N PRO A 42 -20.74 6.90 -32.18
CA PRO A 42 -19.69 7.81 -32.67
C PRO A 42 -19.65 9.14 -31.94
N GLN A 43 -18.45 9.57 -31.53
CA GLN A 43 -18.26 10.91 -30.99
C GLN A 43 -17.63 11.79 -32.06
N ARG A 44 -16.65 11.21 -32.76
CA ARG A 44 -16.04 11.87 -33.90
C ARG A 44 -16.29 11.00 -35.11
N VAL A 45 -17.37 11.31 -35.82
CA VAL A 45 -17.82 10.52 -36.95
C VAL A 45 -16.71 10.41 -38.00
N GLY A 46 -16.53 9.21 -38.53
CA GLY A 46 -15.61 9.01 -39.64
C GLY A 46 -14.25 8.47 -39.23
N GLU A 47 -13.92 8.57 -37.94
CA GLU A 47 -12.64 8.07 -37.47
C GLU A 47 -12.64 6.56 -37.46
N PRO A 48 -11.45 5.95 -37.59
CA PRO A 48 -11.41 4.48 -37.47
C PRO A 48 -11.79 4.06 -36.06
N LEU A 49 -12.48 2.92 -35.96
CA LEU A 49 -12.71 2.29 -34.66
C LEU A 49 -11.48 1.48 -34.28
N VAL A 50 -10.89 1.84 -33.15
CA VAL A 50 -9.68 1.19 -32.66
C VAL A 50 -9.98 0.47 -31.36
N LEU A 51 -9.84 -0.85 -31.37
CA LEU A 51 -10.08 -1.67 -30.18
C LEU A 51 -8.78 -2.26 -29.68
N ASP A 52 -8.59 -2.22 -28.36
CA ASP A 52 -7.44 -2.87 -27.74
C ASP A 52 -7.77 -4.33 -27.46
N GLY A 53 -6.82 -5.22 -27.70
CA GLY A 53 -7.02 -6.62 -27.33
C GLY A 53 -5.85 -7.54 -27.59
N SER A 54 -5.71 -8.55 -26.74
CA SER A 54 -4.61 -9.50 -26.87
C SER A 54 -5.06 -10.96 -26.80
N ALA A 55 -6.36 -11.19 -26.66
CA ALA A 55 -6.87 -12.57 -26.67
C ALA A 55 -6.90 -13.11 -28.09
N LYS A 56 -6.95 -14.44 -28.23
CA LYS A 56 -7.05 -15.06 -29.55
C LYS A 56 -8.38 -14.68 -30.19
N LEU A 57 -8.31 -14.12 -31.40
CA LEU A 57 -9.49 -13.59 -32.08
C LEU A 57 -10.10 -14.58 -33.04
N LEU A 58 -11.38 -14.89 -32.85
CA LEU A 58 -12.07 -15.86 -33.69
C LEU A 58 -12.92 -15.19 -34.77
N SER A 59 -13.59 -14.09 -34.42
CA SER A 59 -14.38 -13.37 -35.41
C SER A 59 -14.73 -11.95 -34.96
N VAL A 60 -14.97 -11.08 -35.94
CA VAL A 60 -15.36 -9.69 -35.70
C VAL A 60 -16.48 -9.29 -36.64
N LYS A 61 -17.59 -8.80 -36.10
CA LYS A 61 -18.69 -8.35 -36.91
C LYS A 61 -19.11 -6.92 -36.62
N ILE A 62 -19.50 -6.21 -37.67
CA ILE A 62 -20.14 -4.92 -37.57
C ILE A 62 -21.56 -5.12 -38.08
N ASN A 63 -22.56 -4.85 -37.25
CA ASN A 63 -23.96 -5.02 -37.65
C ASN A 63 -24.26 -6.38 -38.28
N GLY A 64 -23.74 -7.44 -37.67
CA GLY A 64 -24.01 -8.78 -38.12
C GLY A 64 -23.10 -9.30 -39.22
N ALA A 65 -22.48 -8.40 -39.98
CA ALA A 65 -21.66 -8.80 -41.12
C ALA A 65 -20.18 -8.86 -40.75
N ALA A 66 -19.46 -9.81 -41.36
CA ALA A 66 -18.03 -9.94 -41.13
C ALA A 66 -17.37 -8.61 -41.39
N ALA A 67 -16.56 -8.16 -40.44
CA ALA A 67 -15.97 -6.83 -40.52
C ALA A 67 -14.69 -6.86 -41.34
N ASP A 68 -14.46 -5.78 -42.08
CA ASP A 68 -13.17 -5.56 -42.70
C ASP A 68 -12.28 -4.85 -41.69
N TYR A 69 -11.29 -5.56 -41.19
CA TYR A 69 -10.46 -5.07 -40.10
C TYR A 69 -9.01 -5.47 -40.31
N VAL A 70 -8.14 -4.91 -39.50
CA VAL A 70 -6.75 -5.34 -39.49
C VAL A 70 -6.32 -5.47 -38.04
N LEU A 71 -5.61 -6.56 -37.75
CA LEU A 71 -5.10 -6.81 -36.41
C LEU A 71 -3.58 -6.66 -36.45
N GLU A 72 -3.09 -5.71 -35.68
CA GLU A 72 -1.68 -5.37 -35.64
C GLU A 72 -1.27 -5.22 -34.19
N GLY A 73 -0.34 -6.04 -33.76
CA GLY A 73 0.04 -6.03 -32.35
C GLY A 73 -1.17 -6.34 -31.52
N GLU A 74 -1.48 -5.46 -30.57
CA GLU A 74 -2.63 -5.65 -29.70
C GLU A 74 -3.74 -4.67 -30.03
N THR A 75 -3.84 -4.26 -31.28
CA THR A 75 -4.89 -3.33 -31.70
CA THR A 75 -4.91 -3.36 -31.67
C THR A 75 -5.63 -3.87 -32.91
N LEU A 76 -6.94 -3.80 -32.86
CA LEU A 76 -7.81 -4.14 -33.96
C LEU A 76 -8.42 -2.83 -34.48
N THR A 77 -8.25 -2.56 -35.78
CA THR A 77 -8.74 -1.34 -36.39
C THR A 77 -9.75 -1.64 -37.49
N ILE A 78 -10.89 -0.96 -37.42
CA ILE A 78 -11.93 -1.03 -38.45
C ILE A 78 -12.13 0.36 -39.04
N ALA A 79 -11.78 0.54 -40.31
CA ALA A 79 -11.81 1.86 -40.94
C ALA A 79 -13.19 2.25 -41.44
N GLY A 80 -13.98 1.26 -41.83
CA GLY A 80 -15.30 1.52 -42.38
C GLY A 80 -16.34 1.25 -41.32
N VAL A 81 -16.74 2.29 -40.59
CA VAL A 81 -17.77 2.14 -39.58
C VAL A 81 -18.90 3.13 -39.81
N PRO A 82 -20.13 2.73 -39.47
CA PRO A 82 -21.29 3.59 -39.69
C PRO A 82 -21.16 4.96 -39.04
N SER A 83 -21.92 5.92 -39.57
CA SER A 83 -21.91 7.29 -39.07
CA SER A 83 -21.91 7.29 -39.07
C SER A 83 -22.84 7.47 -37.88
N GLU A 84 -23.66 6.46 -37.61
CA GLU A 84 -24.58 6.50 -36.48
C GLU A 84 -24.44 5.21 -35.68
N ARG A 85 -25.22 5.08 -34.61
CA ARG A 85 -25.14 3.92 -33.73
C ARG A 85 -24.96 2.63 -34.50
N PHE A 86 -24.06 1.79 -34.04
CA PHE A 86 -23.87 0.49 -34.65
C PHE A 86 -23.44 -0.52 -33.61
N THR A 87 -23.48 -1.79 -33.98
CA THR A 87 -23.03 -2.83 -33.08
C THR A 87 -21.73 -3.42 -33.57
N VAL A 88 -20.91 -3.84 -32.62
CA VAL A 88 -19.71 -4.59 -32.89
C VAL A 88 -19.80 -5.88 -32.11
N GLU A 89 -19.56 -7.00 -32.77
CA GLU A 89 -19.54 -8.30 -32.10
C GLU A 89 -18.18 -8.96 -32.25
N VAL A 90 -17.57 -9.28 -31.12
CA VAL A 90 -16.26 -9.91 -31.11
C VAL A 90 -16.30 -11.25 -30.41
N GLU A 91 -15.66 -12.24 -31.02
CA GLU A 91 -15.54 -13.56 -30.41
C GLU A 91 -14.07 -13.85 -30.16
N THR A 92 -13.72 -14.17 -28.92
CA THR A 92 -12.34 -14.46 -28.54
C THR A 92 -12.27 -15.78 -27.79
N GLU A 93 -11.07 -16.31 -27.68
CA GLU A 93 -10.85 -17.58 -27.01
C GLU A 93 -9.70 -17.46 -26.03
N ILE A 94 -9.95 -17.90 -24.80
CA ILE A 94 -8.98 -17.76 -23.71
C ILE A 94 -8.65 -19.12 -23.08
N LEU A 95 -7.40 -19.30 -22.69
CA LEU A 95 -6.97 -20.48 -21.95
C LEU A 95 -6.56 -20.07 -20.53
N PRO A 96 -7.53 -19.99 -19.62
CA PRO A 96 -7.23 -19.35 -18.33
C PRO A 96 -6.17 -20.07 -17.50
N ALA A 97 -6.06 -21.38 -17.65
CA ALA A 97 -5.12 -22.15 -16.81
C ALA A 97 -3.68 -21.87 -17.21
N GLU A 98 -3.48 -21.26 -18.38
CA GLU A 98 -2.15 -20.94 -18.86
C GLU A 98 -1.76 -19.51 -18.48
N ASN A 99 -2.67 -18.82 -17.82
CA ASN A 99 -2.47 -17.42 -17.51
C ASN A 99 -1.80 -17.24 -16.15
N LYS A 100 -0.48 -17.13 -16.16
CA LYS A 100 0.29 -16.98 -14.94
C LYS A 100 0.56 -15.51 -14.60
N SER A 101 0.09 -14.58 -15.44
CA SER A 101 0.27 -13.16 -15.14
C SER A 101 -0.77 -12.68 -14.14
N LEU A 102 -1.83 -13.46 -13.97
CA LEU A 102 -2.92 -13.12 -13.06
C LEU A 102 -3.58 -11.80 -13.45
N MSE A 103 -3.57 -11.51 -14.74
CA MSE A 103 -4.30 -10.39 -15.33
C MSE A 103 -5.24 -10.93 -16.39
O MSE A 103 -4.87 -11.85 -17.12
CB MSE A 103 -3.33 -9.38 -15.94
CG MSE A 103 -2.39 -8.75 -14.95
SE MSE A 103 -3.33 -7.67 -13.66
CE MSE A 103 -4.05 -6.35 -14.87
H MSE A 103 -3.13 -11.97 -15.32
HA MSE A 103 -4.81 -9.94 -14.64
HB2 MSE A 103 -2.80 -9.83 -16.61
HB3 MSE A 103 -3.85 -8.66 -16.35
HG2 MSE A 103 -1.91 -9.45 -14.46
HG3 MSE A 103 -1.76 -8.18 -15.41
HE1 MSE A 103 -4.56 -5.71 -14.36
HE2 MSE A 103 -3.31 -5.90 -15.32
HE3 MSE A 103 -4.61 -6.79 -15.52
N GLY A 104 -6.43 -10.38 -16.48
CA GLY A 104 -7.44 -10.91 -17.37
C GLY A 104 -8.17 -12.03 -16.66
N LEU A 105 -8.57 -13.05 -17.43
CA LEU A 105 -9.23 -14.22 -16.87
C LEU A 105 -8.20 -15.30 -16.58
N TYR A 106 -8.11 -15.75 -15.32
CA TYR A 106 -7.13 -16.76 -14.97
C TYR A 106 -7.67 -17.75 -13.96
N ALA A 107 -6.97 -18.87 -13.86
CA ALA A 107 -7.36 -19.95 -12.98
C ALA A 107 -6.55 -19.90 -11.69
N SER A 108 -7.20 -20.22 -10.60
CA SER A 108 -6.54 -20.35 -9.30
C SER A 108 -7.32 -21.34 -8.46
N GLY A 109 -6.65 -22.38 -7.97
CA GLY A 109 -7.27 -23.39 -7.13
C GLY A 109 -8.42 -24.10 -7.81
N GLY A 110 -8.34 -24.24 -9.12
CA GLY A 110 -9.37 -24.93 -9.89
C GLY A 110 -10.56 -24.04 -10.25
N ASN A 111 -10.51 -22.79 -9.78
CA ASN A 111 -11.56 -21.82 -10.03
C ASN A 111 -11.09 -20.73 -10.98
N LEU A 112 -12.02 -19.93 -11.49
CA LEU A 112 -11.70 -18.85 -12.42
C LEU A 112 -11.98 -17.49 -11.80
N PHE A 113 -11.04 -16.57 -11.99
CA PHE A 113 -11.14 -15.21 -11.46
C PHE A 113 -10.70 -14.22 -12.53
N THR A 114 -11.05 -12.95 -12.33
CA THR A 114 -10.55 -11.89 -13.20
C THR A 114 -9.80 -10.81 -12.42
N GLN A 115 -8.86 -10.17 -13.10
CA GLN A 115 -8.30 -8.91 -12.63
C GLN A 115 -8.14 -8.00 -13.85
N CYS A 116 -8.87 -6.89 -13.86
CA CYS A 116 -8.89 -6.04 -15.05
C CYS A 116 -8.18 -4.69 -14.87
N GLU A 117 -8.02 -4.20 -13.63
CA GLU A 117 -7.32 -2.92 -13.46
C GLU A 117 -5.80 -3.11 -13.55
N PRO A 118 -5.13 -2.26 -14.34
CA PRO A 118 -5.66 -1.17 -15.17
C PRO A 118 -6.14 -1.59 -16.56
N GLU A 119 -5.40 -2.48 -17.23
CA GLU A 119 -5.68 -2.79 -18.63
C GLU A 119 -5.77 -4.29 -18.91
N GLY A 120 -6.34 -5.02 -17.96
CA GLY A 120 -6.53 -6.45 -18.12
C GLY A 120 -7.76 -6.86 -18.92
N PHE A 121 -8.77 -6.00 -19.03
CA PHE A 121 -9.98 -6.39 -19.75
C PHE A 121 -9.67 -6.70 -21.22
N ARG A 122 -8.71 -5.99 -21.80
CA ARG A 122 -8.34 -6.24 -23.19
C ARG A 122 -7.71 -7.63 -23.37
N LYS A 123 -7.35 -8.29 -22.27
CA LYS A 123 -6.90 -9.68 -22.33
C LYS A 123 -8.08 -10.65 -22.41
N ILE A 124 -9.29 -10.13 -22.28
CA ILE A 124 -10.50 -10.96 -22.30
C ILE A 124 -11.22 -10.79 -23.63
N THR A 125 -11.36 -9.54 -24.06
CA THR A 125 -12.01 -9.25 -25.34
C THR A 125 -11.43 -7.98 -25.92
N PHE A 126 -11.78 -7.69 -27.17
CA PHE A 126 -11.35 -6.46 -27.81
C PHE A 126 -12.32 -5.34 -27.46
N TYR A 127 -11.77 -4.23 -26.97
CA TYR A 127 -12.57 -3.21 -26.34
C TYR A 127 -11.86 -1.88 -26.35
N ILE A 128 -12.60 -0.81 -26.09
CA ILE A 128 -11.98 0.49 -25.88
C ILE A 128 -11.64 0.58 -24.40
N ASP A 129 -10.48 0.00 -24.07
CA ASP A 129 -10.09 -0.31 -22.71
C ASP A 129 -9.40 0.86 -22.00
N ARG A 130 -10.18 1.91 -21.74
CA ARG A 130 -9.71 3.11 -21.08
C ARG A 130 -10.84 3.64 -20.19
N PRO A 131 -10.48 4.27 -19.05
CA PRO A 131 -11.49 4.52 -18.01
C PRO A 131 -12.47 5.67 -18.29
N ASP A 132 -12.24 6.47 -19.32
CA ASP A 132 -13.18 7.54 -19.64
C ASP A 132 -14.29 7.03 -20.57
N VAL A 133 -14.20 5.76 -20.96
CA VAL A 133 -15.27 5.09 -21.70
C VAL A 133 -16.07 4.22 -20.74
N MSE A 134 -17.30 4.64 -20.47
CA MSE A 134 -18.13 3.97 -19.49
C MSE A 134 -19.38 3.41 -20.17
O MSE A 134 -20.02 4.10 -20.95
CB MSE A 134 -18.51 4.93 -18.37
CG MSE A 134 -17.29 5.62 -17.75
SE MSE A 134 -17.79 7.06 -16.56
CE MSE A 134 -18.56 5.99 -15.13
H MSE A 134 -17.68 5.32 -20.84
HA MSE A 134 -17.63 3.23 -19.10
HB2 MSE A 134 -19.10 5.61 -18.72
HB3 MSE A 134 -18.96 4.43 -17.66
HG2 MSE A 134 -16.78 4.98 -17.25
HG3 MSE A 134 -16.75 5.99 -18.46
HE1 MSE A 134 -18.86 6.59 -14.43
HE2 MSE A 134 -19.30 5.48 -15.49
HE3 MSE A 134 -17.88 5.39 -14.79
N SER A 135 -19.68 2.17 -19.86
CA SER A 135 -20.74 1.42 -20.54
C SER A 135 -21.57 0.65 -19.53
N LYS A 136 -22.79 0.27 -19.90
CA LYS A 136 -23.63 -0.55 -19.04
C LYS A 136 -23.50 -2.02 -19.42
N PHE A 137 -23.00 -2.82 -18.49
CA PHE A 137 -22.65 -4.22 -18.72
C PHE A 137 -23.76 -5.21 -18.35
N THR A 138 -23.98 -6.19 -19.23
CA THR A 138 -24.78 -7.37 -18.90
C THR A 138 -23.98 -8.61 -19.28
N THR A 139 -23.86 -9.53 -18.34
CA THR A 139 -22.95 -10.67 -18.46
C THR A 139 -23.68 -11.99 -18.30
N THR A 140 -23.62 -12.82 -19.33
CA THR A 140 -24.13 -14.18 -19.28
C THR A 140 -22.97 -15.16 -19.15
N ILE A 141 -23.09 -16.09 -18.22
CA ILE A 141 -22.05 -17.10 -17.99
C ILE A 141 -22.65 -18.50 -18.09
N VAL A 142 -21.99 -19.39 -18.85
CA VAL A 142 -22.43 -20.77 -19.02
C VAL A 142 -21.29 -21.70 -18.64
N ALA A 143 -21.57 -22.73 -17.84
CA ALA A 143 -20.52 -23.60 -17.35
C ALA A 143 -21.07 -24.91 -16.81
N ASP A 144 -20.21 -25.91 -16.70
CA ASP A 144 -20.55 -27.16 -16.02
C ASP A 144 -20.95 -26.87 -14.58
N LYS A 145 -22.09 -27.40 -14.16
CA LYS A 145 -22.64 -27.05 -12.86
C LYS A 145 -21.85 -27.65 -11.71
N LYS A 146 -21.37 -28.88 -11.85
CA LYS A 146 -20.65 -29.52 -10.75
C LYS A 146 -19.27 -28.91 -10.56
N ARG A 147 -18.60 -28.56 -11.65
CA ARG A 147 -17.28 -27.95 -11.57
C ARG A 147 -17.36 -26.47 -11.19
N TYR A 148 -18.36 -25.77 -11.73
CA TYR A 148 -18.53 -24.34 -11.49
C TYR A 148 -19.95 -24.00 -11.02
N PRO A 149 -20.31 -24.41 -9.80
CA PRO A 149 -21.66 -24.14 -9.28
C PRO A 149 -21.91 -22.66 -8.96
N VAL A 150 -20.84 -21.92 -8.68
CA VAL A 150 -20.95 -20.50 -8.36
C VAL A 150 -20.48 -19.66 -9.56
N LEU A 151 -21.39 -18.88 -10.13
CA LEU A 151 -21.08 -18.04 -11.30
C LEU A 151 -21.48 -16.61 -11.02
N LEU A 152 -20.50 -15.73 -10.93
CA LEU A 152 -20.69 -14.37 -10.47
C LEU A 152 -20.15 -13.33 -11.45
N SER A 153 -20.85 -12.19 -11.54
CA SER A 153 -20.32 -11.01 -12.21
C SER A 153 -20.92 -9.77 -11.53
N ASN A 154 -20.64 -8.59 -12.06
CA ASN A 154 -21.11 -7.35 -11.43
C ASN A 154 -22.61 -7.18 -11.52
N GLY A 155 -23.21 -6.68 -10.44
CA GLY A 155 -24.56 -6.16 -10.50
C GLY A 155 -25.59 -7.08 -9.87
N ASN A 156 -26.77 -7.11 -10.50
CA ASN A 156 -27.90 -7.92 -10.03
C ASN A 156 -28.04 -9.18 -10.88
N LYS A 157 -28.27 -10.32 -10.25
CA LYS A 157 -28.57 -11.52 -11.02
C LYS A 157 -30.01 -11.46 -11.47
N ILE A 158 -30.25 -11.40 -12.78
CA ILE A 158 -31.61 -11.22 -13.28
C ILE A 158 -32.20 -12.46 -13.94
N ASP A 159 -31.38 -13.48 -14.21
CA ASP A 159 -31.90 -14.70 -14.81
C ASP A 159 -30.91 -15.84 -14.66
N GLY A 160 -31.36 -17.07 -14.92
CA GLY A 160 -30.50 -18.22 -14.86
C GLY A 160 -31.32 -19.48 -15.10
N GLY A 161 -30.61 -20.60 -15.26
CA GLY A 161 -31.29 -21.86 -15.50
C GLY A 161 -30.33 -22.98 -15.79
N GLU A 162 -30.90 -24.12 -16.17
CA GLU A 162 -30.15 -25.34 -16.40
C GLU A 162 -30.20 -25.74 -17.87
N PHE A 163 -29.12 -26.36 -18.34
CA PHE A 163 -29.10 -27.07 -19.60
C PHE A 163 -29.00 -28.56 -19.31
N SER A 164 -29.59 -29.41 -20.13
CA SER A 164 -29.77 -30.82 -19.76
C SER A 164 -28.50 -31.67 -19.94
N ASP A 165 -27.37 -31.02 -20.24
CA ASP A 165 -26.10 -31.72 -20.38
C ASP A 165 -25.17 -31.44 -19.20
N GLY A 166 -25.74 -31.10 -18.05
CA GLY A 166 -24.95 -30.85 -16.86
C GLY A 166 -24.46 -29.42 -16.72
N ARG A 167 -24.76 -28.58 -17.70
N ARG A 167 -24.75 -28.58 -17.71
CA ARG A 167 -24.36 -27.19 -17.65
CA ARG A 167 -24.37 -27.18 -17.65
C ARG A 167 -25.49 -26.31 -17.09
C ARG A 167 -25.48 -26.35 -17.01
N HIS A 168 -25.12 -25.14 -16.58
CA HIS A 168 -26.11 -24.17 -16.14
C HIS A 168 -25.59 -22.80 -16.51
N TRP A 169 -26.44 -21.79 -16.35
CA TRP A 169 -26.08 -20.44 -16.73
C TRP A 169 -26.70 -19.41 -15.80
N VAL A 170 -26.09 -18.23 -15.77
CA VAL A 170 -26.63 -17.09 -15.04
C VAL A 170 -26.50 -15.84 -15.90
N LYS A 171 -27.31 -14.84 -15.61
CA LYS A 171 -27.22 -13.55 -16.29
C LYS A 171 -27.19 -12.43 -15.27
N TRP A 172 -26.16 -11.61 -15.35
CA TRP A 172 -25.93 -10.50 -14.43
C TRP A 172 -26.07 -9.17 -15.14
N GLU A 173 -26.80 -8.26 -14.52
CA GLU A 173 -27.00 -6.93 -15.09
C GLU A 173 -26.53 -5.86 -14.11
N ASP A 174 -25.51 -5.10 -14.49
CA ASP A 174 -25.03 -4.00 -13.68
C ASP A 174 -25.57 -2.68 -14.25
N PRO A 175 -26.55 -2.07 -13.57
CA PRO A 175 -27.24 -0.90 -14.13
C PRO A 175 -26.40 0.37 -14.13
N PHE A 176 -25.25 0.37 -13.44
CA PHE A 176 -24.40 1.56 -13.41
C PHE A 176 -23.34 1.49 -14.50
N SER A 177 -23.28 2.52 -15.33
CA SER A 177 -22.25 2.58 -16.35
CA SER A 177 -22.25 2.58 -16.35
C SER A 177 -20.89 2.56 -15.68
N LYS A 178 -19.97 1.80 -16.22
CA LYS A 178 -18.65 1.71 -15.63
C LYS A 178 -17.60 1.58 -16.69
N PRO A 179 -16.36 1.94 -16.34
CA PRO A 179 -15.23 1.64 -17.19
C PRO A 179 -14.89 0.16 -17.12
N SER A 180 -14.22 -0.35 -18.14
CA SER A 180 -13.87 -1.75 -18.22
C SER A 180 -13.01 -2.26 -17.06
N TYR A 181 -12.23 -1.39 -16.41
CA TYR A 181 -11.30 -1.91 -15.40
C TYR A 181 -12.06 -2.41 -14.16
N LEU A 182 -13.36 -2.10 -14.10
CA LEU A 182 -14.19 -2.51 -12.96
C LEU A 182 -15.01 -3.77 -13.24
N PHE A 183 -14.87 -4.33 -14.43
CA PHE A 183 -15.50 -5.61 -14.73
C PHE A 183 -14.91 -6.74 -13.90
N ALA A 184 -15.75 -7.64 -13.43
CA ALA A 184 -15.28 -8.83 -12.75
C ALA A 184 -16.13 -10.04 -13.07
N LEU A 185 -15.47 -11.20 -13.10
CA LEU A 185 -16.15 -12.49 -13.22
C LEU A 185 -15.48 -13.50 -12.31
N VAL A 186 -16.29 -14.31 -11.66
CA VAL A 186 -15.80 -15.43 -10.88
C VAL A 186 -16.61 -16.67 -11.23
N ALA A 187 -15.93 -17.79 -11.41
CA ALA A 187 -16.59 -19.05 -11.67
C ALA A 187 -15.89 -20.12 -10.88
N GLY A 188 -16.61 -20.85 -10.05
CA GLY A 188 -15.95 -21.92 -9.32
C GLY A 188 -16.78 -22.62 -8.28
N ASP A 189 -16.10 -23.50 -7.57
CA ASP A 189 -16.67 -24.22 -6.44
C ASP A 189 -16.22 -23.51 -5.18
N LEU A 190 -17.04 -22.59 -4.71
CA LEU A 190 -16.69 -21.75 -3.57
C LEU A 190 -17.77 -21.83 -2.49
N ALA A 191 -17.34 -21.77 -1.23
CA ALA A 191 -18.26 -21.70 -0.11
C ALA A 191 -18.68 -20.26 0.12
N VAL A 192 -19.92 -20.06 0.57
CA VAL A 192 -20.42 -18.73 0.78
C VAL A 192 -20.78 -18.49 2.24
N THR A 193 -20.48 -17.29 2.73
CA THR A 193 -20.89 -16.82 4.04
C THR A 193 -21.80 -15.62 3.82
N GLU A 194 -23.00 -15.66 4.40
CA GLU A 194 -24.01 -14.66 4.12
C GLU A 194 -24.31 -13.80 5.34
N ASP A 195 -24.50 -12.50 5.12
CA ASP A 195 -24.90 -11.58 6.17
C ASP A 195 -25.67 -10.45 5.51
N TYR A 196 -25.93 -9.37 6.24
CA TYR A 196 -26.56 -8.22 5.63
C TYR A 196 -26.37 -6.94 6.43
N PHE A 197 -26.60 -5.83 5.73
CA PHE A 197 -26.53 -4.51 6.29
C PHE A 197 -27.78 -3.77 5.85
N THR A 198 -28.37 -2.95 6.71
CA THR A 198 -29.51 -2.14 6.33
C THR A 198 -29.08 -0.69 6.21
N THR A 199 -29.26 -0.11 5.02
CA THR A 199 -28.82 1.26 4.78
C THR A 199 -29.69 2.22 5.57
N MSE A 200 -29.24 3.47 5.68
CA MSE A 200 -29.98 4.42 6.48
C MSE A 200 -31.34 4.77 5.86
O MSE A 200 -32.21 5.27 6.54
CB MSE A 200 -29.17 5.69 6.70
CG MSE A 200 -28.70 6.38 5.45
SE MSE A 200 -27.52 7.85 5.89
CE MSE A 200 -27.11 8.42 4.10
H MSE A 200 -28.53 3.78 5.31
HA MSE A 200 -30.14 4.03 7.36
HB2 MSE A 200 -29.71 6.33 7.20
HB3 MSE A 200 -28.37 5.47 7.22
HG2 MSE A 200 -28.22 5.75 4.89
HG3 MSE A 200 -29.47 6.73 4.97
HE1 MSE A 200 -26.50 9.18 4.14
HE2 MSE A 200 -26.69 7.69 3.61
HE3 MSE A 200 -27.93 8.69 3.65
N SER A 201 -31.51 4.49 4.57
CA SER A 201 -32.81 4.71 3.95
C SER A 201 -33.72 3.48 4.08
N GLY A 202 -33.26 2.46 4.80
CA GLY A 202 -34.08 1.30 5.13
C GLY A 202 -33.99 0.11 4.19
N ARG A 203 -33.01 0.11 3.30
CA ARG A 203 -32.84 -0.98 2.36
C ARG A 203 -31.82 -2.01 2.80
N ASN A 204 -32.24 -3.27 2.86
CA ASN A 204 -31.30 -4.36 3.14
C ASN A 204 -30.31 -4.54 2.00
N VAL A 205 -29.06 -4.77 2.37
CA VAL A 205 -28.02 -5.15 1.41
C VAL A 205 -27.54 -6.54 1.79
N LYS A 206 -27.73 -7.50 0.90
CA LYS A 206 -27.23 -8.84 1.16
C LYS A 206 -25.73 -8.84 0.95
N ILE A 207 -25.01 -9.36 1.95
CA ILE A 207 -23.57 -9.49 1.90
C ILE A 207 -23.21 -10.95 1.72
N GLU A 208 -22.34 -11.22 0.75
CA GLU A 208 -21.87 -12.58 0.49
C GLU A 208 -20.36 -12.61 0.34
N PHE A 209 -19.70 -13.36 1.22
CA PHE A 209 -18.27 -13.62 1.11
C PHE A 209 -18.03 -15.04 0.58
N TYR A 210 -17.25 -15.14 -0.48
CA TYR A 210 -16.93 -16.43 -1.09
C TYR A 210 -15.48 -16.81 -0.82
N THR A 211 -15.30 -18.03 -0.34
CA THR A 211 -13.99 -18.55 0.04
C THR A 211 -13.95 -20.04 -0.25
N THR A 212 -12.78 -20.65 -0.08
CA THR A 212 -12.71 -22.11 -0.09
C THR A 212 -13.49 -22.64 1.10
N GLU A 213 -13.92 -23.89 0.99
CA GLU A 213 -14.66 -24.53 2.06
C GLU A 213 -13.82 -24.52 3.35
N ALA A 214 -12.52 -24.76 3.23
CA ALA A 214 -11.66 -24.86 4.40
C ALA A 214 -11.44 -23.52 5.08
N ASP A 215 -11.50 -22.42 4.32
CA ASP A 215 -11.20 -21.10 4.85
C ASP A 215 -12.42 -20.32 5.34
N LYS A 216 -13.61 -20.85 5.10
CA LYS A 216 -14.84 -20.18 5.49
C LYS A 216 -14.87 -19.78 6.98
N PRO A 217 -14.36 -20.65 7.87
CA PRO A 217 -14.38 -20.27 9.30
C PRO A 217 -13.51 -19.06 9.65
N LYS A 218 -12.71 -18.58 8.70
CA LYS A 218 -11.79 -17.47 8.96
C LYS A 218 -12.26 -16.13 8.42
N VAL A 219 -13.49 -16.06 7.92
CA VAL A 219 -13.95 -14.88 7.19
C VAL A 219 -14.79 -13.91 8.05
N GLY A 220 -15.10 -14.33 9.28
CA GLY A 220 -15.97 -13.54 10.16
C GLY A 220 -15.56 -12.10 10.44
N PHE A 221 -14.29 -11.88 10.72
CA PHE A 221 -13.81 -10.55 11.04
C PHE A 221 -13.91 -9.60 9.84
N ALA A 222 -13.66 -10.13 8.64
CA ALA A 222 -13.82 -9.34 7.42
C ALA A 222 -15.27 -8.92 7.21
N VAL A 223 -16.21 -9.83 7.44
CA VAL A 223 -17.63 -9.51 7.33
C VAL A 223 -18.02 -8.40 8.30
N GLU A 224 -17.63 -8.53 9.55
CA GLU A 224 -17.90 -7.48 10.54
C GLU A 224 -17.26 -6.15 10.17
N SER A 225 -16.05 -6.20 9.62
CA SER A 225 -15.35 -4.98 9.19
C SER A 225 -16.10 -4.29 8.05
N LEU A 226 -16.64 -5.08 7.12
CA LEU A 226 -17.42 -4.49 6.02
C LEU A 226 -18.64 -3.76 6.56
N LYS A 227 -19.36 -4.40 7.47
CA LYS A 227 -20.54 -3.77 8.05
C LYS A 227 -20.16 -2.49 8.80
N ASN A 228 -19.01 -2.50 9.46
CA ASN A 228 -18.53 -1.28 10.12
C ASN A 228 -18.21 -0.19 9.10
N ALA A 229 -17.58 -0.57 7.99
CA ALA A 229 -17.22 0.39 6.95
C ALA A 229 -18.47 0.99 6.29
N MSE A 230 -19.50 0.17 6.08
CA MSE A 230 -20.73 0.66 5.49
C MSE A 230 -21.40 1.69 6.39
O MSE A 230 -21.85 2.74 5.94
CB MSE A 230 -21.66 -0.50 5.20
CG MSE A 230 -21.15 -1.40 4.10
SE MSE A 230 -22.31 -2.89 3.75
CE MSE A 230 -23.24 -2.18 2.21
H MSE A 230 -19.49 -0.67 6.27
HA MSE A 230 -20.52 1.09 4.64
HB2 MSE A 230 -21.76 -1.03 6.00
HB3 MSE A 230 -22.52 -0.15 4.92
HG2 MSE A 230 -21.07 -0.88 3.27
HG3 MSE A 230 -20.27 -1.74 4.35
HE1 MSE A 230 -23.89 -2.84 1.90
HE2 MSE A 230 -23.71 -1.36 2.46
HE3 MSE A 230 -22.60 -2.00 1.51
N LYS A 231 -21.45 1.37 7.68
CA LYS A 231 -22.06 2.29 8.64
C LYS A 231 -21.25 3.57 8.71
N TRP A 232 -19.93 3.45 8.67
CA TRP A 232 -19.07 4.62 8.83
C TRP A 232 -19.17 5.56 7.64
N ASP A 233 -19.27 5.02 6.43
CA ASP A 233 -19.35 5.89 5.27
C ASP A 233 -20.67 6.67 5.34
N GLU A 234 -21.69 6.06 5.94
CA GLU A 234 -22.95 6.77 6.12
C GLU A 234 -22.82 7.89 7.15
N THR A 235 -22.22 7.59 8.30
CA THR A 235 -22.23 8.57 9.39
C THR A 235 -21.18 9.67 9.17
N ARG A 236 -20.04 9.33 8.59
CA ARG A 236 -18.97 10.31 8.44
C ARG A 236 -19.09 11.09 7.13
N PHE A 237 -19.41 10.42 6.02
CA PHE A 237 -19.45 11.06 4.70
C PHE A 237 -20.85 11.19 4.11
N GLY A 238 -21.85 10.62 4.78
CA GLY A 238 -23.20 10.62 4.27
C GLY A 238 -23.39 9.79 3.01
N LEU A 239 -22.54 8.77 2.80
CA LEU A 239 -22.59 7.99 1.58
C LEU A 239 -23.24 6.61 1.81
N GLU A 240 -24.22 6.29 0.97
CA GLU A 240 -24.97 5.04 1.04
C GLU A 240 -24.62 4.11 -0.11
N TYR A 241 -24.69 2.81 0.14
CA TYR A 241 -24.49 1.81 -0.91
C TYR A 241 -25.68 1.86 -1.87
N ASP A 242 -25.47 1.42 -3.12
CA ASP A 242 -26.44 1.66 -4.19
C ASP A 242 -26.97 0.38 -4.88
N LEU A 243 -26.65 -0.78 -4.33
CA LEU A 243 -27.19 -2.07 -4.79
C LEU A 243 -27.69 -2.87 -3.59
N ASP A 244 -28.51 -3.88 -3.83
CA ASP A 244 -29.02 -4.69 -2.71
C ASP A 244 -28.17 -5.94 -2.52
N ILE A 245 -27.01 -5.97 -3.18
CA ILE A 245 -26.09 -7.09 -3.09
C ILE A 245 -24.65 -6.58 -3.10
N PHE A 246 -23.83 -7.12 -2.22
CA PHE A 246 -22.41 -6.81 -2.19
C PHE A 246 -21.64 -8.11 -1.98
N MSE A 247 -20.83 -8.47 -2.97
CA MSE A 247 -20.06 -9.70 -2.91
C MSE A 247 -18.58 -9.45 -2.73
O MSE A 247 -18.02 -8.51 -3.31
CB MSE A 247 -20.29 -10.52 -4.18
CG MSE A 247 -21.72 -10.97 -4.35
SE MSE A 247 -21.95 -11.70 -6.09
CE MSE A 247 -22.22 -10.05 -7.07
H MSE A 247 -20.71 -8.02 -3.68
HA MSE A 247 -20.38 -10.23 -2.16
HB2 MSE A 247 -20.06 -9.97 -4.94
HB3 MSE A 247 -19.73 -11.30 -4.15
HG2 MSE A 247 -21.92 -11.66 -3.70
HG3 MSE A 247 -22.32 -10.21 -4.25
HE1 MSE A 247 -22.35 -10.26 -8.02
HE2 MSE A 247 -22.99 -9.60 -6.72
HE3 MSE A 247 -21.43 -9.49 -6.97
N VAL A 248 -17.95 -10.31 -1.94
CA VAL A 248 -16.51 -10.31 -1.75
C VAL A 248 -15.99 -11.73 -2.02
N VAL A 249 -14.97 -11.84 -2.85
CA VAL A 249 -14.41 -13.14 -3.20
C VAL A 249 -12.92 -13.14 -2.83
N ALA A 250 -12.49 -14.15 -2.07
CA ALA A 250 -11.10 -14.33 -1.71
C ALA A 250 -10.37 -15.24 -2.70
N VAL A 251 -9.15 -14.86 -3.07
CA VAL A 251 -8.36 -15.65 -4.01
C VAL A 251 -6.89 -15.63 -3.58
N GLY A 252 -6.26 -16.80 -3.59
CA GLY A 252 -4.91 -16.95 -3.08
C GLY A 252 -3.81 -16.64 -4.08
N ASP A 253 -4.16 -16.58 -5.37
CA ASP A 253 -3.24 -16.10 -6.40
C ASP A 253 -3.68 -14.73 -6.86
N PHE A 254 -3.00 -13.69 -6.40
CA PHE A 254 -3.43 -12.33 -6.63
C PHE A 254 -2.22 -11.40 -6.54
N ASN A 255 -2.14 -10.44 -7.45
CA ASN A 255 -0.94 -9.61 -7.55
C ASN A 255 -0.82 -8.53 -6.47
N MSE A 256 -1.90 -7.79 -6.27
CA MSE A 256 -1.90 -6.70 -5.31
C MSE A 256 -2.65 -7.13 -4.06
O MSE A 256 -2.61 -8.30 -3.66
CB MSE A 256 -2.50 -5.45 -5.95
CG MSE A 256 -1.67 -4.89 -7.11
SE MSE A 256 -0.58 -3.36 -6.60
CE MSE A 256 -2.01 -2.12 -6.12
H MSE A 256 -2.65 -7.91 -6.67
HA MSE A 256 -0.98 -6.50 -5.08
HB2 MSE A 256 -3.38 -5.66 -6.29
HB3 MSE A 256 -2.57 -4.75 -5.27
HG2 MSE A 256 -1.08 -5.59 -7.44
HG3 MSE A 256 -2.27 -4.60 -7.82
HE1 MSE A 256 -1.60 -1.28 -5.83
HE2 MSE A 256 -2.57 -1.96 -6.89
HE3 MSE A 256 -2.52 -2.49 -5.39
N GLY A 257 -3.34 -6.19 -3.41
CA GLY A 257 -4.05 -6.49 -2.19
C GLY A 257 -5.49 -6.86 -2.44
N ALA A 258 -6.20 -6.00 -3.16
CA ALA A 258 -7.61 -6.23 -3.42
C ALA A 258 -8.08 -5.39 -4.59
N MSE A 259 -9.33 -5.57 -4.98
CA MSE A 259 -9.87 -4.89 -6.14
C MSE A 259 -11.34 -4.53 -5.96
O MSE A 259 -12.15 -5.37 -5.57
CB MSE A 259 -9.67 -5.75 -7.39
CG MSE A 259 -10.12 -5.09 -8.66
SE MSE A 259 -9.17 -3.45 -8.96
CE MSE A 259 -10.51 -2.49 -9.95
H MSE A 259 -9.89 -6.09 -4.59
HA MSE A 259 -9.36 -4.06 -6.27
HB2 MSE A 259 -8.73 -5.95 -7.48
HB3 MSE A 259 -10.17 -6.57 -7.28
HG2 MSE A 259 -9.95 -5.70 -9.41
HG3 MSE A 259 -11.07 -4.90 -8.60
HE1 MSE A 259 -10.17 -1.62 -10.18
HE2 MSE A 259 -10.72 -2.99 -10.76
HE3 MSE A 259 -11.30 -2.41 -9.40
N GLU A 260 -11.66 -3.28 -6.26
CA GLU A 260 -12.97 -2.70 -5.96
C GLU A 260 -14.05 -2.90 -7.02
N ASN A 261 -14.01 -4.00 -7.78
CA ASN A 261 -14.98 -4.19 -8.86
C ASN A 261 -16.41 -4.01 -8.35
N LYS A 262 -17.22 -3.25 -9.08
CA LYS A 262 -18.55 -2.87 -8.62
C LYS A 262 -19.38 -4.07 -8.17
N GLY A 263 -19.72 -4.08 -6.88
CA GLY A 263 -20.59 -5.11 -6.32
C GLY A 263 -19.96 -6.49 -6.22
N LEU A 264 -18.70 -6.61 -6.62
CA LEU A 264 -18.02 -7.90 -6.67
C LEU A 264 -16.54 -7.68 -6.44
N ASN A 265 -16.20 -7.34 -5.20
CA ASN A 265 -14.81 -7.11 -4.83
C ASN A 265 -14.05 -8.43 -4.83
N ILE A 266 -12.81 -8.41 -5.31
CA ILE A 266 -11.96 -9.61 -5.30
C ILE A 266 -10.72 -9.30 -4.47
N PHE A 267 -10.49 -10.12 -3.45
CA PHE A 267 -9.45 -9.88 -2.44
C PHE A 267 -8.37 -10.96 -2.45
N ASN A 268 -7.12 -10.53 -2.30
CA ASN A 268 -6.07 -11.42 -1.82
C ASN A 268 -6.53 -12.02 -0.50
N THR A 269 -6.38 -13.32 -0.33
CA THR A 269 -6.75 -13.99 0.91
C THR A 269 -6.15 -13.32 2.14
N LYS A 270 -4.98 -12.72 2.01
CA LYS A 270 -4.33 -12.16 3.17
C LYS A 270 -5.11 -10.97 3.75
N PHE A 271 -6.01 -10.38 2.97
CA PHE A 271 -6.81 -9.25 3.46
C PHE A 271 -8.28 -9.61 3.68
N VAL A 272 -8.56 -10.89 3.80
CA VAL A 272 -9.89 -11.38 4.14
C VAL A 272 -9.88 -12.39 5.30
N LEU A 273 -8.87 -13.24 5.34
CA LEU A 273 -8.88 -14.40 6.24
C LEU A 273 -8.07 -14.19 7.50
N ALA A 274 -8.69 -14.42 8.65
CA ALA A 274 -7.99 -14.37 9.92
C ALA A 274 -8.73 -15.13 11.01
N ASP A 275 -7.94 -15.78 11.87
CA ASP A 275 -8.41 -16.14 13.20
C ASP A 275 -7.20 -16.00 14.10
N SER A 276 -7.40 -15.99 15.42
CA SER A 276 -6.30 -15.67 16.32
C SER A 276 -5.21 -16.73 16.26
N ARG A 277 -5.57 -17.95 15.87
CA ARG A 277 -4.58 -19.01 15.78
C ARG A 277 -3.57 -18.79 14.65
N THR A 278 -4.03 -18.19 13.55
CA THR A 278 -3.21 -18.12 12.34
C THR A 278 -2.88 -16.71 11.87
N ALA A 279 -3.53 -15.69 12.44
CA ALA A 279 -3.32 -14.32 12.02
C ALA A 279 -2.86 -13.45 13.18
N THR A 280 -1.97 -12.51 12.90
CA THR A 280 -1.48 -11.57 13.89
C THR A 280 -2.45 -10.41 14.05
N ASP A 281 -2.32 -9.68 15.15
CA ASP A 281 -3.10 -8.48 15.38
C ASP A 281 -2.95 -7.53 14.20
N THR A 282 -1.73 -7.40 13.69
CA THR A 282 -1.47 -6.54 12.54
C THR A 282 -2.21 -7.05 11.30
N ASP A 283 -2.33 -8.37 11.14
CA ASP A 283 -3.11 -8.94 10.05
C ASP A 283 -4.58 -8.50 10.15
N PHE A 284 -5.14 -8.59 11.35
CA PHE A 284 -6.53 -8.15 11.59
C PHE A 284 -6.71 -6.68 11.21
N GLU A 285 -5.80 -5.83 11.67
CA GLU A 285 -5.87 -4.41 11.35
C GLU A 285 -5.81 -4.18 9.84
N GLY A 286 -5.03 -5.01 9.16
CA GLY A 286 -4.91 -4.95 7.72
C GLY A 286 -6.21 -5.30 7.02
N ILE A 287 -6.90 -6.32 7.53
CA ILE A 287 -8.18 -6.74 6.96
C ILE A 287 -9.19 -5.61 7.11
N GLU A 288 -9.24 -5.04 8.30
CA GLU A 288 -10.15 -3.92 8.58
C GLU A 288 -9.90 -2.77 7.60
N SER A 289 -8.63 -2.43 7.41
CA SER A 289 -8.25 -1.33 6.52
C SER A 289 -8.60 -1.59 5.06
N VAL A 290 -8.28 -2.77 4.57
CA VAL A 290 -8.44 -3.05 3.14
C VAL A 290 -9.90 -3.35 2.80
N VAL A 291 -10.62 -4.06 3.66
CA VAL A 291 -12.05 -4.26 3.44
C VAL A 291 -12.73 -2.89 3.38
N GLY A 292 -12.38 -2.00 4.30
CA GLY A 292 -12.89 -0.63 4.26
C GLY A 292 -12.51 0.05 2.95
N HIS A 293 -11.21 0.06 2.66
CA HIS A 293 -10.68 0.64 1.43
C HIS A 293 -11.51 0.25 0.20
N GLU A 294 -11.71 -1.05 -0.03
CA GLU A 294 -12.38 -1.47 -1.26
C GLU A 294 -13.83 -1.00 -1.25
N TYR A 295 -14.50 -1.04 -0.11
CA TYR A 295 -15.86 -0.55 -0.03
C TYR A 295 -15.93 0.95 -0.30
N PHE A 296 -14.98 1.70 0.24
CA PHE A 296 -14.99 3.15 0.09
C PHE A 296 -14.80 3.55 -1.38
N HIS A 297 -14.13 2.69 -2.16
CA HIS A 297 -13.99 2.90 -3.60
C HIS A 297 -15.35 2.96 -4.31
N ASN A 298 -16.41 2.44 -3.70
CA ASN A 298 -17.71 2.44 -4.36
C ASN A 298 -18.10 3.85 -4.78
N TRP A 299 -17.77 4.82 -3.94
CA TRP A 299 -18.00 6.21 -4.30
C TRP A 299 -16.75 6.87 -4.86
N THR A 300 -15.62 6.71 -4.18
CA THR A 300 -14.39 7.35 -4.64
C THR A 300 -13.58 6.40 -5.52
N GLY A 301 -14.03 6.30 -6.77
CA GLY A 301 -13.46 5.38 -7.74
C GLY A 301 -14.49 4.83 -8.70
N ASN A 302 -15.63 4.38 -8.18
CA ASN A 302 -16.63 3.71 -9.01
C ASN A 302 -17.73 4.69 -9.46
N ARG A 303 -18.40 5.35 -8.51
CA ARG A 303 -19.44 6.31 -8.88
C ARG A 303 -18.82 7.54 -9.56
N VAL A 304 -17.65 7.94 -9.07
CA VAL A 304 -16.81 8.91 -9.77
C VAL A 304 -15.48 8.21 -10.06
N THR A 305 -15.09 8.17 -11.31
CA THR A 305 -13.90 7.43 -11.71
C THR A 305 -12.87 8.35 -12.36
N CYS A 306 -11.83 7.75 -12.94
CA CYS A 306 -10.67 8.48 -13.47
C CYS A 306 -10.74 8.70 -14.97
N ARG A 307 -10.50 9.93 -15.40
CA ARG A 307 -10.49 10.26 -16.81
C ARG A 307 -9.41 9.47 -17.56
N ASP A 308 -8.27 9.28 -16.90
CA ASP A 308 -7.12 8.63 -17.50
C ASP A 308 -6.26 8.12 -16.36
N TRP A 309 -5.29 7.27 -16.66
CA TRP A 309 -4.56 6.60 -15.57
C TRP A 309 -3.56 7.52 -14.91
N PHE A 310 -3.26 8.65 -15.55
CA PHE A 310 -2.45 9.67 -14.88
C PHE A 310 -3.16 10.17 -13.63
N GLN A 311 -4.48 10.08 -13.61
CA GLN A 311 -5.29 10.58 -12.48
C GLN A 311 -5.51 9.52 -11.39
N LEU A 312 -4.70 8.47 -11.38
CA LEU A 312 -4.93 7.36 -10.46
C LEU A 312 -5.06 7.82 -9.01
N SER A 313 -4.28 8.80 -8.59
CA SER A 313 -4.31 9.23 -7.20
C SER A 313 -5.65 9.88 -6.83
N LEU A 314 -6.37 10.36 -7.84
CA LEU A 314 -7.72 10.88 -7.62
C LEU A 314 -8.57 9.89 -6.84
N LYS A 315 -8.48 8.62 -7.19
CA LYS A 315 -9.24 7.61 -6.45
C LYS A 315 -8.41 6.93 -5.35
N GLU A 316 -7.11 6.72 -5.57
CA GLU A 316 -6.33 6.01 -4.57
C GLU A 316 -5.90 6.89 -3.39
N GLY A 317 -5.44 8.11 -3.65
CA GLY A 317 -5.06 8.99 -2.57
C GLY A 317 -6.25 9.24 -1.64
N LEU A 318 -7.40 9.48 -2.24
CA LEU A 318 -8.60 9.82 -1.51
C LEU A 318 -9.16 8.59 -0.77
N THR A 319 -9.07 7.43 -1.39
CA THR A 319 -9.63 6.23 -0.79
C THR A 319 -8.71 5.75 0.34
N VAL A 320 -7.40 5.89 0.15
CA VAL A 320 -6.47 5.60 1.23
C VAL A 320 -6.75 6.53 2.42
N PHE A 321 -6.97 7.81 2.13
CA PHE A 321 -7.29 8.76 3.19
C PHE A 321 -8.53 8.32 3.94
N ARG A 322 -9.53 7.88 3.19
CA ARG A 322 -10.76 7.40 3.79
C ARG A 322 -10.52 6.14 4.64
N ASP A 323 -9.70 5.20 4.17
CA ASP A 323 -9.51 3.99 4.97
C ASP A 323 -8.67 4.32 6.21
N GLN A 324 -7.76 5.28 6.10
CA GLN A 324 -7.00 5.75 7.26
C GLN A 324 -7.89 6.38 8.33
N GLU A 325 -8.86 7.19 7.90
CA GLU A 325 -9.77 7.85 8.82
C GLU A 325 -10.75 6.85 9.44
N PHE A 326 -11.14 5.86 8.64
CA PHE A 326 -11.99 4.77 9.12
C PHE A 326 -11.29 4.01 10.25
N SER A 327 -10.06 3.57 10.00
CA SER A 327 -9.30 2.84 11.00
C SER A 327 -9.06 3.70 12.23
N GLY A 328 -8.83 4.99 12.01
CA GLY A 328 -8.57 5.90 13.11
C GLY A 328 -9.78 6.10 14.00
N ASP A 329 -10.95 6.19 13.38
CA ASP A 329 -12.19 6.37 14.12
C ASP A 329 -12.55 5.10 14.90
N ARG A 330 -12.15 3.94 14.39
CA ARG A 330 -12.40 2.66 15.06
C ARG A 330 -11.67 2.57 16.40
N ALA A 331 -10.37 2.88 16.39
CA ALA A 331 -9.55 2.76 17.57
C ALA A 331 -8.17 3.37 17.38
N SER A 332 -7.56 3.81 18.47
CA SER A 332 -6.15 4.19 18.50
C SER A 332 -5.73 5.14 17.38
N ARG A 333 -6.41 6.28 17.29
CA ARG A 333 -6.17 7.22 16.19
C ARG A 333 -4.72 7.71 16.12
N ALA A 334 -4.17 8.14 17.25
CA ALA A 334 -2.83 8.71 17.27
C ALA A 334 -1.78 7.69 16.88
N VAL A 335 -1.86 6.50 17.47
CA VAL A 335 -0.92 5.43 17.16
C VAL A 335 -0.98 5.08 15.67
N ARG A 336 -2.19 4.91 15.15
CA ARG A 336 -2.35 4.48 13.76
C ARG A 336 -1.87 5.57 12.79
N ARG A 337 -2.01 6.84 13.17
CA ARG A 337 -1.49 7.94 12.39
C ARG A 337 0.04 7.89 12.33
N ILE A 338 0.68 7.64 13.47
CA ILE A 338 2.13 7.52 13.51
C ILE A 338 2.58 6.37 12.62
N GLU A 339 1.86 5.25 12.63
CA GLU A 339 2.23 4.11 11.81
C GLU A 339 2.22 4.50 10.32
N ASN A 340 1.23 5.27 9.91
CA ASN A 340 1.15 5.71 8.52
C ASN A 340 2.30 6.64 8.14
N ILE A 341 2.66 7.53 9.04
CA ILE A 341 3.78 8.45 8.82
C ILE A 341 5.07 7.66 8.71
N ARG A 342 5.24 6.70 9.60
CA ARG A 342 6.44 5.87 9.61
C ARG A 342 6.58 5.15 8.27
N LEU A 343 5.47 4.58 7.81
N LEU A 343 5.48 4.60 7.77
CA LEU A 343 5.43 3.86 6.55
CA LEU A 343 5.52 3.84 6.53
C LEU A 343 5.84 4.78 5.39
C LEU A 343 5.80 4.75 5.33
N LEU A 344 5.27 5.97 5.36
CA LEU A 344 5.56 6.94 4.31
C LEU A 344 7.06 7.26 4.26
N ARG A 345 7.65 7.51 5.42
CA ARG A 345 9.04 7.97 5.45
C ARG A 345 10.00 6.81 5.19
N GLN A 346 9.59 5.59 5.52
CA GLN A 346 10.43 4.43 5.28
C GLN A 346 10.42 3.98 3.83
N HIS A 347 9.29 4.14 3.16
CA HIS A 347 9.14 3.59 1.82
C HIS A 347 8.85 4.62 0.74
N GLN A 348 8.13 5.69 1.05
CA GLN A 348 7.81 6.68 0.03
C GLN A 348 8.94 7.68 -0.15
N PHE A 349 9.53 8.13 0.96
CA PHE A 349 10.60 9.13 0.88
C PHE A 349 11.76 8.61 0.02
N PRO A 350 12.21 7.38 0.28
CA PRO A 350 13.28 6.88 -0.61
C PRO A 350 12.86 6.84 -2.10
N GLU A 351 11.60 6.57 -2.39
CA GLU A 351 11.11 6.63 -3.77
C GLU A 351 11.25 8.03 -4.33
N ASP A 352 10.86 9.03 -3.55
CA ASP A 352 10.90 10.42 -4.02
C ASP A 352 12.33 10.91 -4.18
N ALA A 353 13.28 10.24 -3.52
CA ALA A 353 14.69 10.61 -3.55
C ALA A 353 15.46 9.79 -4.59
N GLY A 354 14.80 8.81 -5.18
CA GLY A 354 15.47 7.87 -6.06
C GLY A 354 15.20 8.08 -7.54
N PRO A 355 15.72 7.17 -8.37
CA PRO A 355 15.63 7.31 -9.83
C PRO A 355 14.22 7.09 -10.40
N THR A 356 13.30 6.49 -9.63
CA THR A 356 11.95 6.28 -10.14
C THR A 356 10.97 7.30 -9.56
N ALA A 357 11.50 8.35 -8.91
CA ALA A 357 10.66 9.40 -8.37
C ALA A 357 9.70 9.95 -9.42
N HIS A 358 8.46 10.19 -9.00
CA HIS A 358 7.44 10.77 -9.89
C HIS A 358 6.44 11.61 -9.10
N PRO A 359 5.72 12.51 -9.79
CA PRO A 359 4.66 13.27 -9.13
C PRO A 359 3.47 12.38 -8.77
N VAL A 360 2.68 12.83 -7.81
CA VAL A 360 1.46 12.12 -7.42
C VAL A 360 0.57 11.91 -8.65
N ARG A 361 0.61 12.89 -9.56
CA ARG A 361 -0.02 12.75 -10.88
C ARG A 361 1.05 12.80 -11.97
N PRO A 362 1.55 11.64 -12.40
CA PRO A 362 2.66 11.62 -13.36
C PRO A 362 2.32 12.28 -14.68
N ALA A 363 3.34 12.80 -15.37
CA ALA A 363 3.17 13.45 -16.66
C ALA A 363 3.36 12.47 -17.80
N SER A 364 3.96 11.32 -17.50
CA SER A 364 4.16 10.28 -18.51
C SER A 364 4.37 8.92 -17.85
N TYR A 365 4.13 7.86 -18.61
CA TYR A 365 4.49 6.51 -18.18
C TYR A 365 4.62 5.62 -19.41
N GLU A 366 5.36 4.53 -19.27
CA GLU A 366 5.43 3.52 -20.32
C GLU A 366 4.46 2.40 -19.98
N GLU A 367 4.58 1.86 -18.77
CA GLU A 367 3.70 0.80 -18.30
C GLU A 367 3.00 1.25 -17.02
N MSE A 368 1.66 1.34 -17.08
CA MSE A 368 0.91 1.94 -15.99
C MSE A 368 0.99 1.12 -14.72
O MSE A 368 0.86 1.66 -13.62
CB MSE A 368 -0.55 2.11 -16.40
CG MSE A 368 -1.41 2.72 -15.32
SE MSE A 368 -0.67 4.45 -14.78
CE MSE A 368 -1.55 4.59 -13.07
H MSE A 368 1.19 1.05 -17.73
HA MSE A 368 1.27 2.82 -15.82
HB2 MSE A 368 -0.60 2.67 -17.19
HB3 MSE A 368 -0.92 1.23 -16.61
HG2 MSE A 368 -2.31 2.87 -15.67
HG3 MSE A 368 -1.43 2.15 -14.55
HE1 MSE A 368 -1.29 5.42 -12.65
HE2 MSE A 368 -2.52 4.58 -13.21
HE3 MSE A 368 -1.29 3.84 -12.51
N ASN A 369 1.22 -0.18 -14.85
CA ASN A 369 1.31 -1.04 -13.68
C ASN A 369 2.50 -0.70 -12.80
N ASN A 370 3.42 0.09 -13.33
CA ASN A 370 4.56 0.55 -12.52
C ASN A 370 4.23 1.74 -11.63
N PHE A 371 3.00 2.22 -11.69
CA PHE A 371 2.66 3.45 -10.96
C PHE A 371 1.60 3.27 -9.90
N TYR A 372 1.42 2.03 -9.46
CA TYR A 372 0.63 1.73 -8.26
C TYR A 372 1.57 1.77 -7.07
N THR A 373 2.03 2.98 -6.78
CA THR A 373 3.18 3.20 -5.92
C THR A 373 2.85 3.84 -4.59
N MSE A 374 3.84 3.83 -3.71
CA MSE A 374 3.74 4.52 -2.43
C MSE A 374 3.44 6.00 -2.63
O MSE A 374 2.75 6.63 -1.83
CB MSE A 374 5.04 4.36 -1.66
CG MSE A 374 5.31 2.95 -1.19
SE MSE A 374 4.11 2.46 0.24
CE MSE A 374 4.52 3.92 1.47
H MSE A 374 4.59 3.43 -3.83
HA MSE A 374 3.02 4.12 -1.90
HB2 MSE A 374 5.78 4.61 -2.23
HB3 MSE A 374 5.02 4.93 -0.87
HG2 MSE A 374 5.19 2.33 -1.93
HG3 MSE A 374 6.23 2.89 -0.86
HE1 MSE A 374 3.98 3.82 2.27
HE2 MSE A 374 5.47 3.89 1.70
HE3 MSE A 374 4.32 4.76 1.04
N THR A 375 4.02 6.58 -3.68
CA THR A 375 3.78 8.00 -3.99
C THR A 375 2.31 8.25 -4.34
N VAL A 376 1.77 7.47 -5.28
CA VAL A 376 0.40 7.68 -5.71
C VAL A 376 -0.58 7.42 -4.55
N TYR A 377 -0.29 6.40 -3.74
CA TYR A 377 -1.16 5.97 -2.65
C TYR A 377 -0.95 6.74 -1.36
N GLU A 378 0.23 6.60 -0.77
CA GLU A 378 0.47 7.14 0.56
C GLU A 378 0.73 8.65 0.53
N LYS A 379 1.61 9.11 -0.35
CA LYS A 379 1.76 10.56 -0.49
C LYS A 379 0.46 11.16 -1.02
N GLY A 380 -0.20 10.44 -1.92
CA GLY A 380 -1.52 10.85 -2.39
C GLY A 380 -2.49 11.11 -1.23
N ALA A 381 -2.48 10.21 -0.25
CA ALA A 381 -3.35 10.35 0.92
C ALA A 381 -2.94 11.57 1.75
N GLU A 382 -1.64 11.80 1.89
CA GLU A 382 -1.15 12.97 2.63
C GLU A 382 -1.59 14.27 1.96
N VAL A 383 -1.65 14.27 0.63
CA VAL A 383 -2.11 15.45 -0.10
C VAL A 383 -3.59 15.69 0.19
N VAL A 384 -4.38 14.63 0.18
CA VAL A 384 -5.81 14.76 0.48
C VAL A 384 -5.98 15.26 1.91
N ARG A 385 -5.17 14.73 2.83
CA ARG A 385 -5.27 15.10 4.24
C ARG A 385 -4.96 16.58 4.45
N MSE A 386 -4.15 17.15 3.56
CA MSE A 386 -3.84 18.57 3.69
C MSE A 386 -5.04 19.45 3.37
O MSE A 386 -5.17 20.51 3.98
CB MSE A 386 -2.65 18.94 2.81
CG MSE A 386 -1.33 18.68 3.50
SE MSE A 386 0.19 19.29 2.50
CE MSE A 386 0.20 17.94 1.12
H MSE A 386 -3.77 16.75 2.90
HA MSE A 386 -3.57 18.74 4.61
HB2 MSE A 386 -2.67 18.42 1.99
HB3 MSE A 386 -2.69 19.90 2.60
HG2 MSE A 386 -1.33 19.13 4.36
HG3 MSE A 386 -1.24 17.72 3.63
HE1 MSE A 386 0.94 18.12 0.52
HE2 MSE A 386 0.31 17.07 1.54
HE3 MSE A 386 -0.64 17.97 0.64
N TYR A 387 -5.92 19.03 2.47
CA TYR A 387 -7.21 19.73 2.32
C TYR A 387 -7.93 19.77 3.66
N HIS A 388 -7.92 18.63 4.34
CA HIS A 388 -8.59 18.49 5.63
C HIS A 388 -7.96 19.43 6.65
N THR A 389 -6.64 19.49 6.66
CA THR A 389 -5.92 20.38 7.56
C THR A 389 -6.19 21.85 7.23
N LEU A 390 -6.24 22.19 5.95
CA LEU A 390 -6.50 23.58 5.56
C LEU A 390 -7.95 24.00 5.79
N LEU A 391 -8.88 23.08 5.59
CA LEU A 391 -10.30 23.43 5.51
C LEU A 391 -11.10 23.02 6.73
N GLY A 392 -10.57 22.05 7.50
CA GLY A 392 -11.31 21.48 8.61
C GLY A 392 -12.28 20.42 8.12
N GLU A 393 -12.76 19.59 9.04
CA GLU A 393 -13.66 18.50 8.66
C GLU A 393 -14.91 19.03 7.96
N GLU A 394 -15.48 20.09 8.49
CA GLU A 394 -16.72 20.63 7.92
C GLU A 394 -16.49 21.08 6.48
N GLY A 395 -15.43 21.85 6.27
CA GLY A 395 -15.10 22.34 4.94
C GLY A 395 -14.74 21.22 3.99
N PHE A 396 -14.06 20.21 4.51
CA PHE A 396 -13.71 19.03 3.71
C PHE A 396 -14.96 18.33 3.21
N GLN A 397 -15.97 18.19 4.08
CA GLN A 397 -17.19 17.52 3.68
C GLN A 397 -18.00 18.38 2.69
N LYS A 398 -17.87 19.70 2.78
CA LYS A 398 -18.49 20.58 1.80
C LYS A 398 -17.90 20.32 0.41
N GLY A 399 -16.58 20.14 0.35
CA GLY A 399 -15.90 19.82 -0.88
C GLY A 399 -16.35 18.48 -1.43
N MSE A 400 -16.41 17.47 -0.57
CA MSE A 400 -16.88 16.14 -0.98
C MSE A 400 -18.28 16.22 -1.57
O MSE A 400 -18.57 15.60 -2.60
CB MSE A 400 -16.90 15.18 0.21
CG MSE A 400 -15.55 14.92 0.87
SE MSE A 400 -14.30 14.03 -0.29
CE MSE A 400 -15.35 12.46 -0.74
H MSE A 400 -16.18 17.52 0.25
HA MSE A 400 -16.27 15.78 -1.64
HB2 MSE A 400 -17.49 15.54 0.89
HB3 MSE A 400 -17.23 14.32 -0.09
HG2 MSE A 400 -15.17 15.77 1.13
HG3 MSE A 400 -15.69 14.37 1.66
HE1 MSE A 400 -14.83 11.90 -1.34
HE2 MSE A 400 -15.55 11.97 0.07
HE3 MSE A 400 -16.17 12.73 -1.18
N LYS A 401 -19.15 16.96 -0.91
CA LYS A 401 -20.53 17.06 -1.34
C LYS A 401 -20.61 17.69 -2.74
N LEU A 402 -19.82 18.72 -2.97
CA LEU A 402 -19.82 19.39 -4.27
C LEU A 402 -19.14 18.52 -5.33
N TYR A 403 -18.09 17.80 -4.94
CA TYR A 403 -17.42 16.83 -5.81
C TYR A 403 -18.42 15.84 -6.40
N PHE A 404 -19.22 15.22 -5.53
CA PHE A 404 -20.20 14.24 -5.99
C PHE A 404 -21.37 14.89 -6.74
N GLN A 405 -21.82 16.06 -6.30
CA GLN A 405 -22.87 16.79 -7.00
C GLN A 405 -22.47 17.04 -8.46
N ARG A 406 -21.24 17.46 -8.66
CA ARG A 406 -20.74 17.80 -9.98
C ARG A 406 -20.40 16.59 -10.84
N HIS A 407 -19.83 15.55 -10.24
CA HIS A 407 -19.13 14.55 -11.03
C HIS A 407 -19.61 13.11 -10.87
N ASP A 408 -20.70 12.90 -10.13
CA ASP A 408 -21.30 11.58 -10.04
C ASP A 408 -21.57 11.06 -11.46
N GLY A 409 -21.08 9.87 -11.75
CA GLY A 409 -21.29 9.26 -13.06
C GLY A 409 -20.26 9.65 -14.10
N GLN A 410 -19.25 10.41 -13.68
CA GLN A 410 -18.26 10.92 -14.61
C GLN A 410 -16.87 10.36 -14.35
N ALA A 411 -16.01 10.48 -15.36
CA ALA A 411 -14.58 10.16 -15.22
C ALA A 411 -13.79 11.46 -15.24
N VAL A 412 -13.18 11.81 -14.10
CA VAL A 412 -12.64 13.15 -13.94
C VAL A 412 -11.17 13.15 -13.51
N THR A 413 -10.67 14.32 -13.12
CA THR A 413 -9.24 14.49 -12.88
C THR A 413 -8.94 15.00 -11.47
N CYS A 414 -7.68 14.92 -11.08
CA CYS A 414 -7.24 15.51 -9.81
C CYS A 414 -7.62 17.00 -9.73
N ASP A 415 -7.54 17.71 -10.85
CA ASP A 415 -7.88 19.14 -10.86
C ASP A 415 -9.34 19.38 -10.47
N ASP A 416 -10.21 18.41 -10.78
CA ASP A 416 -11.63 18.55 -10.49
C ASP A 416 -11.90 18.38 -9.00
N PHE A 417 -11.14 17.50 -8.35
CA PHE A 417 -11.27 17.33 -6.91
C PHE A 417 -10.80 18.59 -6.20
N ARG A 418 -9.64 19.10 -6.60
CA ARG A 418 -9.13 20.35 -6.04
C ARG A 418 -10.12 21.51 -6.24
N ALA A 419 -10.70 21.62 -7.44
CA ALA A 419 -11.65 22.68 -7.73
C ALA A 419 -12.89 22.58 -6.84
N ALA A 420 -13.32 21.35 -6.56
CA ALA A 420 -14.47 21.14 -5.69
C ALA A 420 -14.19 21.64 -4.29
N MSE A 421 -13.01 21.29 -3.79
CA MSE A 421 -12.57 21.75 -2.48
C MSE A 421 -12.49 23.26 -2.42
O MSE A 421 -12.97 23.88 -1.47
CB MSE A 421 -11.22 21.13 -2.15
CG MSE A 421 -11.30 19.65 -1.83
SE MSE A 421 -12.20 19.38 -0.14
CE MSE A 421 -12.55 17.49 -0.31
H MSE A 421 -12.44 20.80 -4.19
HA MSE A 421 -13.21 21.44 -1.82
HB2 MSE A 421 -10.62 21.24 -2.90
HB3 MSE A 421 -10.85 21.58 -1.36
HG2 MSE A 421 -11.80 19.20 -2.53
HG3 MSE A 421 -10.40 19.28 -1.76
HE1 MSE A 421 -13.01 17.19 0.48
HE2 MSE A 421 -13.10 17.34 -1.09
HE3 MSE A 421 -11.71 17.03 -0.40
N ALA A 422 -11.89 23.85 -3.46
CA ALA A 422 -11.73 25.30 -3.53
C ALA A 422 -13.07 26.01 -3.64
N ASP A 423 -13.90 25.57 -4.59
CA ASP A 423 -15.18 26.23 -4.85
C ASP A 423 -16.17 26.10 -3.71
N ALA A 424 -16.23 24.94 -3.07
CA ALA A 424 -17.18 24.70 -1.99
C ALA A 424 -16.85 25.55 -0.77
N ASN A 425 -15.59 25.96 -0.65
CA ASN A 425 -15.13 26.70 0.52
C ASN A 425 -14.75 28.16 0.23
N GLY A 426 -14.90 28.59 -1.03
CA GLY A 426 -14.62 29.96 -1.40
C GLY A 426 -13.19 30.38 -1.11
N ILE A 427 -12.24 29.49 -1.36
CA ILE A 427 -10.84 29.74 -1.10
C ILE A 427 -10.02 29.40 -2.34
N ASN A 428 -8.90 30.07 -2.53
CA ASN A 428 -8.06 29.86 -3.71
C ASN A 428 -6.99 28.79 -3.44
N LEU A 429 -7.10 27.68 -4.16
CA LEU A 429 -6.16 26.57 -3.99
C LEU A 429 -5.31 26.35 -5.24
N ASP A 430 -5.10 27.40 -6.02
CA ASP A 430 -4.34 27.28 -7.27
C ASP A 430 -2.93 26.74 -7.03
N GLN A 431 -2.27 27.25 -6.00
CA GLN A 431 -0.91 26.83 -5.68
C GLN A 431 -0.87 25.38 -5.22
N PHE A 432 -1.99 24.89 -4.70
CA PHE A 432 -2.07 23.54 -4.19
C PHE A 432 -1.87 22.52 -5.31
N ALA A 433 -2.08 22.94 -6.55
CA ALA A 433 -1.93 22.03 -7.69
C ALA A 433 -0.53 21.47 -7.76
N LEU A 434 0.44 22.20 -7.23
CA LEU A 434 1.82 21.77 -7.33
C LEU A 434 2.07 20.47 -6.55
N TRP A 435 1.19 20.13 -5.61
CA TRP A 435 1.31 18.87 -4.90
C TRP A 435 1.06 17.69 -5.81
N TYR A 436 0.38 17.93 -6.93
CA TYR A 436 0.11 16.88 -7.89
C TYR A 436 1.16 16.79 -9.00
N SER A 437 1.80 17.93 -9.31
CA SER A 437 2.65 18.01 -10.49
C SER A 437 4.14 18.04 -10.16
N GLN A 438 4.48 18.33 -8.91
CA GLN A 438 5.89 18.40 -8.50
C GLN A 438 6.29 17.21 -7.64
N ALA A 439 7.23 16.42 -8.14
CA ALA A 439 7.79 15.30 -7.40
C ALA A 439 8.84 15.78 -6.40
N GLY A 440 9.25 14.89 -5.52
CA GLY A 440 10.29 15.19 -4.55
C GLY A 440 9.74 15.58 -3.19
N THR A 441 10.52 15.33 -2.14
CA THR A 441 10.14 15.70 -0.79
C THR A 441 10.59 17.13 -0.49
N PRO A 442 9.63 18.04 -0.23
CA PRO A 442 10.06 19.41 0.12
C PRO A 442 10.89 19.43 1.40
N VAL A 443 11.84 20.35 1.47
CA VAL A 443 12.70 20.49 2.62
C VAL A 443 12.51 21.87 3.24
N LEU A 444 12.10 21.88 4.51
CA LEU A 444 11.92 23.12 5.26
C LEU A 444 13.09 23.34 6.21
N GLU A 445 13.54 24.57 6.28
CA GLU A 445 14.57 24.96 7.24
C GLU A 445 13.99 26.07 8.11
N ALA A 446 13.94 25.83 9.42
CA ALA A 446 13.28 26.77 10.32
C ALA A 446 14.20 27.32 11.39
N GLU A 447 13.96 28.57 11.77
CA GLU A 447 14.70 29.26 12.82
C GLU A 447 13.73 30.00 13.71
N GLY A 448 13.96 29.96 15.02
CA GLY A 448 13.08 30.59 15.98
C GLY A 448 13.81 31.50 16.94
N ARG A 449 13.25 32.68 17.18
CA ARG A 449 13.82 33.63 18.13
C ARG A 449 12.72 34.30 18.94
N LEU A 450 12.93 34.40 20.24
CA LEU A 450 12.00 35.12 21.10
C LEU A 450 12.59 36.50 21.45
N LYS A 451 12.21 37.51 20.68
CA LYS A 451 12.61 38.89 20.94
C LYS A 451 11.39 39.72 21.31
N ASN A 452 11.54 40.60 22.30
CA ASN A 452 10.38 41.25 22.88
C ASN A 452 9.48 40.13 23.42
N ASN A 453 8.16 40.22 23.22
CA ASN A 453 7.28 39.12 23.58
C ASN A 453 6.68 38.46 22.34
N ILE A 454 7.44 38.50 21.24
CA ILE A 454 7.06 37.82 20.00
C ILE A 454 8.01 36.68 19.72
N PHE A 455 7.47 35.50 19.41
CA PHE A 455 8.29 34.41 18.91
C PHE A 455 8.34 34.47 17.39
N GLU A 456 9.51 34.76 16.86
CA GLU A 456 9.69 34.95 15.44
C GLU A 456 10.18 33.67 14.78
N LEU A 457 9.31 33.02 14.01
CA LEU A 457 9.66 31.77 13.33
C LEU A 457 9.86 32.02 11.83
N THR A 458 11.10 31.87 11.38
CA THR A 458 11.42 32.02 9.96
C THR A 458 11.51 30.65 9.33
N VAL A 459 10.88 30.46 8.18
CA VAL A 459 10.86 29.17 7.52
C VAL A 459 11.16 29.34 6.03
N LYS A 460 12.12 28.56 5.55
CA LYS A 460 12.40 28.50 4.11
C LYS A 460 11.97 27.15 3.58
N GLN A 461 11.63 27.09 2.31
CA GLN A 461 11.32 25.82 1.66
C GLN A 461 12.09 25.69 0.36
N THR A 462 12.42 24.45 0.02
CA THR A 462 13.03 24.14 -1.25
C THR A 462 12.59 22.73 -1.65
N VAL A 463 12.49 22.49 -2.95
CA VAL A 463 12.18 21.16 -3.45
C VAL A 463 13.28 20.77 -4.44
N PRO A 464 13.93 19.62 -4.23
CA PRO A 464 15.03 19.24 -5.13
C PRO A 464 14.57 18.88 -6.53
N PRO A 465 15.43 19.08 -7.54
CA PRO A 465 15.15 18.52 -8.85
C PRO A 465 14.92 17.02 -8.77
N THR A 466 14.01 16.52 -9.61
CA THR A 466 13.82 15.08 -9.76
C THR A 466 14.09 14.75 -11.23
N PRO A 467 14.23 13.46 -11.57
CA PRO A 467 14.65 13.13 -12.94
C PRO A 467 13.71 13.67 -14.02
N ASP A 468 12.44 13.85 -13.66
CA ASP A 468 11.43 14.34 -14.58
C ASP A 468 11.37 15.86 -14.71
N MSE A 469 11.93 16.58 -13.73
CA MSE A 469 11.70 18.02 -13.64
C MSE A 469 12.71 18.71 -12.73
O MSE A 469 12.88 18.31 -11.58
CB MSE A 469 10.28 18.27 -13.13
CG MSE A 469 9.91 19.74 -12.99
SE MSE A 469 8.15 19.94 -12.18
CE MSE A 469 7.06 19.15 -13.58
H MSE A 469 12.45 16.26 -13.11
HA MSE A 469 11.77 18.40 -14.53
HB2 MSE A 469 9.66 17.87 -13.75
HB3 MSE A 469 10.19 17.86 -12.26
HG2 MSE A 469 10.56 20.17 -12.41
HG3 MSE A 469 9.90 20.16 -13.86
HE1 MSE A 469 6.12 19.19 -13.31
HE2 MSE A 469 7.19 19.65 -14.40
HE3 MSE A 469 7.33 18.23 -13.71
N THR A 470 13.35 19.76 -13.24
CA THR A 470 14.32 20.50 -12.46
C THR A 470 13.68 21.69 -11.73
N ASP A 471 12.82 22.42 -12.44
CA ASP A 471 12.19 23.60 -11.88
C ASP A 471 11.13 23.22 -10.84
N LYS A 472 11.34 23.63 -9.59
CA LYS A 472 10.35 23.39 -8.55
C LYS A 472 10.02 24.72 -7.88
N GLN A 473 8.75 25.11 -7.96
CA GLN A 473 8.32 26.39 -7.40
C GLN A 473 7.82 26.19 -5.98
N PRO A 474 7.78 27.28 -5.19
CA PRO A 474 7.29 27.19 -3.81
C PRO A 474 5.88 26.64 -3.73
N MSE A 475 5.64 25.82 -2.72
CA MSE A 475 4.39 25.11 -2.60
C MSE A 475 3.61 25.59 -1.39
O MSE A 475 4.13 26.35 -0.58
CB MSE A 475 4.65 23.61 -2.52
CG MSE A 475 5.35 23.12 -3.75
SE MSE A 475 6.01 21.34 -3.58
CE MSE A 475 4.35 20.42 -3.53
H MSE A 475 6.21 25.65 -2.10
HA MSE A 475 3.86 25.28 -3.40
HB2 MSE A 475 5.22 23.43 -1.76
HB3 MSE A 475 3.81 23.15 -2.44
HG2 MSE A 475 4.73 23.13 -4.49
HG3 MSE A 475 6.11 23.70 -3.95
HE1 MSE A 475 4.51 19.47 -3.44
HE2 MSE A 475 3.83 20.74 -2.78
HE3 MSE A 475 3.87 20.60 -4.35
N MSE A 476 2.36 25.18 -1.31
CA MSE A 476 1.48 25.53 -0.21
C MSE A 476 1.63 24.50 0.90
O MSE A 476 1.16 23.37 0.77
CB MSE A 476 0.03 25.63 -0.68
CG MSE A 476 -0.88 26.24 0.33
SE MSE A 476 -2.72 26.09 -0.21
CE MSE A 476 -2.80 27.56 -1.47
H MSE A 476 1.98 24.67 -1.90
HA MSE A 476 1.74 26.40 0.13
HB2 MSE A 476 0.00 26.16 -1.49
HB3 MSE A 476 -0.29 24.73 -0.87
HG2 MSE A 476 -0.78 25.79 1.19
HG3 MSE A 476 -0.67 27.19 0.42
HE1 MSE A 476 -3.69 27.62 -1.85
HE2 MSE A 476 -2.59 28.39 -1.02
HE3 MSE A 476 -2.16 27.41 -2.19
N ILE A 477 2.28 24.88 1.99
CA ILE A 477 2.68 23.92 3.02
C ILE A 477 2.16 24.33 4.40
N PRO A 478 1.13 23.62 4.91
CA PRO A 478 0.63 23.95 6.25
C PRO A 478 1.52 23.38 7.35
N VAL A 479 2.00 24.26 8.22
CA VAL A 479 2.87 23.84 9.31
C VAL A 479 2.17 24.10 10.63
N LYS A 480 1.74 23.02 11.28
CA LYS A 480 1.06 23.15 12.56
C LYS A 480 2.08 23.32 13.67
N VAL A 481 1.87 24.31 14.54
CA VAL A 481 2.85 24.62 15.58
C VAL A 481 2.25 24.84 16.96
N GLY A 482 3.08 24.64 17.98
CA GLY A 482 2.75 24.97 19.35
C GLY A 482 4.04 25.34 20.05
N LEU A 483 3.94 25.80 21.30
CA LEU A 483 5.09 26.21 22.08
C LEU A 483 5.10 25.55 23.47
N LEU A 484 6.29 25.17 23.93
CA LEU A 484 6.47 24.62 25.27
C LEU A 484 7.40 25.49 26.10
N ASN A 485 7.17 25.56 27.41
CA ASN A 485 8.08 26.27 28.29
C ASN A 485 9.07 25.29 28.93
N ARG A 486 9.91 25.81 29.84
CA ARG A 486 10.97 25.01 30.44
C ARG A 486 10.44 23.74 31.12
N ASN A 487 9.22 23.81 31.62
CA ASN A 487 8.58 22.65 32.24
C ASN A 487 7.73 21.84 31.27
N GLY A 488 7.81 22.19 30.00
CA GLY A 488 7.15 21.42 28.96
C GLY A 488 5.65 21.51 28.91
N GLU A 489 5.08 22.59 29.45
CA GLU A 489 3.63 22.79 29.34
C GLU A 489 3.30 23.73 28.18
N ALA A 490 2.06 23.68 27.74
CA ALA A 490 1.60 24.45 26.59
C ALA A 490 1.61 25.95 26.88
N VAL A 491 2.25 26.71 26.00
CA VAL A 491 2.29 28.16 26.11
C VAL A 491 1.40 28.78 25.04
N ALA A 492 0.55 29.73 25.45
CA ALA A 492 -0.37 30.36 24.52
C ALA A 492 0.31 31.49 23.75
N PHE A 493 -0.25 31.81 22.58
CA PHE A 493 0.30 32.87 21.75
C PHE A 493 -0.80 33.47 20.88
N ASP A 494 -0.53 34.65 20.34
CA ASP A 494 -1.48 35.33 19.46
C ASP A 494 -1.05 35.21 18.01
N TYR A 495 -1.93 34.66 17.18
CA TYR A 495 -1.65 34.56 15.75
C TYR A 495 -2.91 34.84 14.95
N GLN A 496 -2.81 35.81 14.05
CA GLN A 496 -3.94 36.20 13.23
C GLN A 496 -5.20 36.40 14.06
N GLY A 497 -5.09 37.21 15.11
CA GLY A 497 -6.25 37.63 15.88
C GLY A 497 -6.60 36.72 17.04
N LYS A 498 -6.46 35.41 16.85
CA LYS A 498 -6.87 34.45 17.87
C LYS A 498 -5.72 34.11 18.82
N ARG A 499 -6.03 34.05 20.11
CA ARG A 499 -5.09 33.55 21.10
C ARG A 499 -5.38 32.08 21.38
N ALA A 500 -4.47 31.20 20.94
CA ALA A 500 -4.63 29.77 21.14
C ALA A 500 -3.31 29.15 21.53
N THR A 501 -3.32 27.83 21.72
CA THR A 501 -2.11 27.10 22.07
C THR A 501 -1.55 26.37 20.86
N GLU A 502 -2.26 26.46 19.73
CA GLU A 502 -1.88 25.76 18.51
C GLU A 502 -2.38 26.53 17.30
N ALA A 503 -1.59 26.55 16.23
CA ALA A 503 -1.95 27.27 15.02
C ALA A 503 -1.39 26.59 13.79
N VAL A 504 -2.05 26.77 12.66
CA VAL A 504 -1.54 26.29 11.39
C VAL A 504 -0.93 27.44 10.61
N LEU A 505 0.39 27.43 10.50
CA LEU A 505 1.12 28.43 9.74
C LEU A 505 1.16 28.01 8.28
N LEU A 506 0.66 28.86 7.39
CA LEU A 506 0.57 28.52 5.98
C LEU A 506 1.74 29.09 5.19
N LEU A 507 2.72 28.24 4.89
CA LEU A 507 3.89 28.66 4.12
C LEU A 507 3.60 28.57 2.63
N THR A 508 3.66 29.70 1.95
CA THR A 508 3.34 29.74 0.52
C THR A 508 4.49 30.31 -0.31
N GLU A 509 5.42 30.96 0.35
CA GLU A 509 6.55 31.57 -0.34
C GLU A 509 7.84 30.81 -0.06
N ALA A 510 8.90 31.14 -0.79
CA ALA A 510 10.18 30.48 -0.62
C ALA A 510 10.73 30.70 0.78
N GLU A 511 10.40 31.86 1.36
CA GLU A 511 10.80 32.16 2.73
C GLU A 511 9.79 33.10 3.38
N GLN A 512 9.31 32.74 4.56
CA GLN A 512 8.37 33.56 5.31
C GLN A 512 8.76 33.64 6.78
N THR A 513 8.33 34.71 7.43
CA THR A 513 8.49 34.83 8.87
C THR A 513 7.10 34.88 9.51
N PHE A 514 6.93 34.10 10.56
CA PHE A 514 5.66 34.05 11.27
C PHE A 514 5.82 34.65 12.66
N LEU A 515 4.90 35.52 13.03
CA LEU A 515 4.98 36.21 14.30
C LEU A 515 3.96 35.64 15.29
N LEU A 516 4.46 34.86 16.25
CA LEU A 516 3.65 34.38 17.37
C LEU A 516 3.87 35.33 18.54
N GLU A 517 2.85 36.10 18.88
CA GLU A 517 3.04 37.22 19.80
C GLU A 517 2.21 37.03 21.07
N GLY A 518 2.59 37.74 22.12
CA GLY A 518 1.98 37.57 23.43
C GLY A 518 2.59 36.39 24.18
N VAL A 519 3.85 36.10 23.90
CA VAL A 519 4.56 35.01 24.57
C VAL A 519 5.30 35.55 25.80
N THR A 520 4.93 35.07 26.97
CA THR A 520 5.44 35.61 28.23
C THR A 520 6.36 34.63 28.96
N GLU A 521 6.88 33.64 28.23
CA GLU A 521 7.84 32.69 28.81
C GLU A 521 8.90 32.33 27.77
N ALA A 522 10.00 31.74 28.23
CA ALA A 522 11.00 31.19 27.33
C ALA A 522 10.40 29.95 26.70
N VAL A 523 10.58 29.78 25.39
CA VAL A 523 9.91 28.70 24.67
C VAL A 523 10.81 27.94 23.72
N VAL A 524 10.46 26.68 23.49
CA VAL A 524 10.93 25.93 22.35
C VAL A 524 9.69 25.54 21.54
N PRO A 525 9.75 25.67 20.20
CA PRO A 525 8.55 25.37 19.43
C PRO A 525 8.35 23.87 19.17
N SER A 526 7.09 23.47 19.04
CA SER A 526 6.73 22.15 18.56
C SER A 526 6.22 22.28 17.14
N LEU A 527 6.89 21.64 16.19
CA LEU A 527 6.66 21.93 14.78
C LEU A 527 6.13 20.75 13.98
N LEU A 528 5.36 21.07 12.93
CA LEU A 528 4.81 20.08 12.02
C LEU A 528 3.96 19.07 12.77
N ARG A 529 3.20 19.55 13.74
CA ARG A 529 2.36 18.69 14.57
C ARG A 529 1.42 17.85 13.73
N GLY A 530 1.27 16.60 14.12
CA GLY A 530 0.47 15.64 13.39
C GLY A 530 1.00 15.36 12.00
N PHE A 531 2.26 15.75 11.74
CA PHE A 531 2.88 15.63 10.42
C PHE A 531 1.99 16.36 9.44
N SER A 532 1.87 17.67 9.62
CA SER A 532 0.84 18.46 8.94
C SER A 532 1.10 18.62 7.45
N ALA A 533 2.29 18.28 7.01
CA ALA A 533 2.61 18.22 5.58
C ALA A 533 3.71 17.19 5.37
N PRO A 534 3.74 16.52 4.20
CA PRO A 534 4.74 15.48 3.97
C PRO A 534 6.08 16.05 3.53
N VAL A 535 6.88 16.47 4.51
CA VAL A 535 8.09 17.21 4.25
C VAL A 535 9.21 16.82 5.22
N HIS A 536 10.43 17.19 4.88
CA HIS A 536 11.55 17.17 5.82
C HIS A 536 11.56 18.52 6.54
N LEU A 537 11.73 18.52 7.86
CA LEU A 537 11.87 19.78 8.58
C LEU A 537 13.11 19.76 9.47
N ASN A 538 13.95 20.76 9.27
CA ASN A 538 15.17 20.92 10.06
C ASN A 538 15.08 22.16 10.93
N TYR A 539 15.04 21.95 12.24
CA TYR A 539 15.03 23.03 13.20
C TYR A 539 16.13 22.75 14.21
N PRO A 540 16.83 23.82 14.69
CA PRO A 540 17.96 23.57 15.58
C PRO A 540 17.53 23.15 16.98
N TYR A 541 17.41 21.85 17.20
CA TYR A 541 17.08 21.32 18.51
C TYR A 541 18.31 20.81 19.22
N SER A 542 18.45 21.16 20.49
CA SER A 542 19.50 20.59 21.33
C SER A 542 19.01 19.24 21.82
N ASP A 543 19.93 18.38 22.25
CA ASP A 543 19.55 17.09 22.79
C ASP A 543 18.55 17.25 23.92
N ASP A 544 18.68 18.32 24.70
CA ASP A 544 17.76 18.54 25.82
C ASP A 544 16.41 19.09 25.35
N ASP A 545 16.40 19.83 24.24
CA ASP A 545 15.14 20.22 23.61
C ASP A 545 14.36 18.96 23.23
N LEU A 546 15.07 17.99 22.67
CA LEU A 546 14.44 16.77 22.21
C LEU A 546 13.91 15.94 23.37
N LEU A 547 14.67 15.87 24.47
CA LEU A 547 14.21 15.13 25.64
C LEU A 547 12.98 15.80 26.22
N LEU A 548 12.93 17.12 26.13
CA LEU A 548 11.79 17.88 26.62
C LEU A 548 10.56 17.60 25.78
N LEU A 549 10.73 17.60 24.46
CA LEU A 549 9.62 17.33 23.54
C LEU A 549 9.09 15.92 23.78
N LEU A 550 10.01 14.96 23.87
CA LEU A 550 9.65 13.56 24.02
C LEU A 550 8.87 13.31 25.31
N ALA A 551 9.24 14.00 26.36
CA ALA A 551 8.66 13.75 27.67
C ALA A 551 7.35 14.51 27.90
N HIS A 552 7.20 15.68 27.29
CA HIS A 552 6.16 16.62 27.72
C HIS A 552 5.24 17.16 26.62
N ASP A 553 5.59 16.98 25.35
CA ASP A 553 4.78 17.54 24.27
C ASP A 553 3.43 16.82 24.18
N SER A 554 2.41 17.52 23.74
CA SER A 554 1.05 16.99 23.69
C SER A 554 0.74 16.26 22.38
N ASP A 555 1.50 16.56 21.35
CA ASP A 555 1.27 15.97 20.02
C ASP A 555 2.04 14.65 19.89
N ALA A 556 1.36 13.60 19.45
CA ALA A 556 1.99 12.29 19.37
C ALA A 556 3.16 12.29 18.38
N PHE A 557 2.97 12.88 17.22
CA PHE A 557 4.00 12.84 16.19
C PHE A 557 5.28 13.53 16.64
N THR A 558 5.15 14.72 17.22
CA THR A 558 6.32 15.48 17.62
C THR A 558 7.11 14.74 18.72
N ARG A 559 6.43 14.09 19.65
CA ARG A 559 7.11 13.27 20.65
C ARG A 559 7.88 12.14 19.96
N TRP A 560 7.17 11.40 19.13
CA TRP A 560 7.76 10.30 18.37
C TRP A 560 8.91 10.78 17.49
N GLU A 561 8.75 11.95 16.88
CA GLU A 561 9.80 12.50 16.02
C GLU A 561 11.04 12.88 16.84
N ALA A 562 10.82 13.35 18.07
CA ALA A 562 11.92 13.66 18.96
C ALA A 562 12.73 12.39 19.26
N ALA A 563 12.05 11.30 19.58
CA ALA A 563 12.72 10.03 19.83
C ALA A 563 13.48 9.55 18.59
N GLN A 564 12.83 9.64 17.44
CA GLN A 564 13.44 9.24 16.17
C GLN A 564 14.74 10.02 15.91
N THR A 565 14.74 11.28 16.31
CA THR A 565 15.91 12.14 16.11
C THR A 565 17.05 11.72 17.04
N LEU A 566 16.74 11.44 18.30
CA LEU A 566 17.74 10.98 19.27
C LEU A 566 18.37 9.67 18.78
N TYR A 567 17.56 8.79 18.21
CA TYR A 567 18.05 7.52 17.69
C TYR A 567 18.95 7.76 16.48
N ARG A 568 18.51 8.65 15.60
CA ARG A 568 19.28 8.97 14.39
C ARG A 568 20.65 9.52 14.75
N ARG A 569 20.68 10.41 15.73
CA ARG A 569 21.94 11.00 16.18
C ARG A 569 22.83 9.95 16.84
N ALA A 570 22.23 9.04 17.60
CA ALA A 570 22.99 7.98 18.24
C ALA A 570 23.66 7.06 17.21
N VAL A 571 22.93 6.73 16.15
CA VAL A 571 23.48 5.90 15.09
C VAL A 571 24.62 6.63 14.39
N ALA A 572 24.44 7.92 14.13
CA ALA A 572 25.49 8.72 13.51
C ALA A 572 26.75 8.71 14.37
N ALA A 573 26.57 8.81 15.69
CA ALA A 573 27.69 8.72 16.61
C ALA A 573 28.39 7.37 16.51
N ASN A 574 27.61 6.29 16.39
CA ASN A 574 28.17 4.95 16.23
C ASN A 574 28.97 4.82 14.95
N LEU A 575 28.44 5.36 13.85
CA LEU A 575 29.14 5.33 12.58
C LEU A 575 30.52 5.96 12.72
N ALA A 576 30.58 7.08 13.44
CA ALA A 576 31.81 7.81 13.64
C ALA A 576 32.86 7.01 14.40
N THR A 577 32.46 6.39 15.51
CA THR A 577 33.41 5.64 16.32
C THR A 577 33.85 4.36 15.62
N LEU A 578 32.89 3.65 15.03
CA LEU A 578 33.18 2.41 14.33
C LEU A 578 34.18 2.68 13.20
N SER A 579 34.02 3.83 12.54
CA SER A 579 34.90 4.22 11.46
C SER A 579 36.29 4.61 11.98
N ASP A 580 36.31 5.29 13.13
CA ASP A 580 37.57 5.71 13.74
C ASP A 580 38.29 4.57 14.44
N GLY A 581 37.58 3.47 14.65
CA GLY A 581 38.14 2.31 15.32
C GLY A 581 38.37 2.56 16.80
N VAL A 582 37.31 3.02 17.48
CA VAL A 582 37.36 3.30 18.90
C VAL A 582 36.13 2.73 19.60
N GLU A 583 36.08 2.85 20.92
CA GLU A 583 34.92 2.42 21.70
C GLU A 583 33.64 3.10 21.22
N LEU A 584 32.51 2.40 21.34
CA LEU A 584 31.22 2.99 21.05
C LEU A 584 30.94 4.18 21.98
N PRO A 585 30.11 5.15 21.52
CA PRO A 585 29.71 6.25 22.39
C PRO A 585 28.95 5.76 23.61
N LYS A 586 28.74 6.64 24.58
CA LYS A 586 28.01 6.27 25.80
C LYS A 586 26.49 6.38 25.60
N HIS A 587 26.06 7.36 24.81
CA HIS A 587 24.64 7.64 24.60
C HIS A 587 23.93 7.92 25.93
N GLU A 588 24.60 8.62 26.84
CA GLU A 588 24.05 8.87 28.18
C GLU A 588 22.68 9.56 28.12
N LYS A 589 22.54 10.56 27.28
CA LYS A 589 21.27 11.29 27.17
C LYS A 589 20.17 10.39 26.59
N LEU A 590 20.50 9.63 25.55
CA LEU A 590 19.53 8.75 24.94
C LEU A 590 19.03 7.72 25.96
N LEU A 591 19.97 7.08 26.67
CA LEU A 591 19.64 6.02 27.60
C LEU A 591 18.75 6.54 28.72
N ALA A 592 18.97 7.79 29.11
CA ALA A 592 18.14 8.42 30.13
C ALA A 592 16.72 8.62 29.60
N ALA A 593 16.61 9.01 28.34
CA ALA A 593 15.30 9.26 27.72
C ALA A 593 14.51 7.96 27.57
N VAL A 594 15.19 6.90 27.15
CA VAL A 594 14.55 5.61 26.95
C VAL A 594 14.09 5.06 28.29
N GLU A 595 14.90 5.28 29.33
CA GLU A 595 14.56 4.79 30.66
C GLU A 595 13.25 5.42 31.13
N LYS A 596 13.08 6.71 30.83
CA LYS A 596 11.86 7.42 31.19
C LYS A 596 10.66 6.86 30.42
N VAL A 597 10.87 6.53 29.15
CA VAL A 597 9.80 5.99 28.33
C VAL A 597 9.37 4.63 28.88
N ILE A 598 10.36 3.76 29.11
CA ILE A 598 10.09 2.42 29.62
C ILE A 598 9.29 2.50 30.91
N SER A 599 9.62 3.47 31.76
CA SER A 599 9.03 3.56 33.09
C SER A 599 7.75 4.39 33.14
N ASP A 600 7.37 5.01 32.02
CA ASP A 600 6.18 5.86 31.99
C ASP A 600 4.94 5.01 31.72
N ASP A 601 4.03 4.96 32.68
CA ASP A 601 2.84 4.11 32.57
C ASP A 601 1.61 4.87 32.08
N LEU A 602 1.72 6.19 31.99
CA LEU A 602 0.68 7.00 31.36
C LEU A 602 0.65 6.77 29.85
N LEU A 603 1.75 6.25 29.32
CA LEU A 603 1.87 6.06 27.88
C LEU A 603 1.03 4.90 27.38
N ASP A 604 0.26 5.16 26.33
CA ASP A 604 -0.40 4.11 25.59
C ASP A 604 0.64 3.06 25.23
N ASN A 605 0.33 1.79 25.45
CA ASN A 605 1.32 0.74 25.24
C ASN A 605 1.76 0.61 23.79
N ALA A 606 0.83 0.78 22.85
CA ALA A 606 1.18 0.73 21.44
C ALA A 606 2.05 1.92 21.06
N PHE A 607 1.81 3.05 21.71
CA PHE A 607 2.62 4.25 21.46
C PHE A 607 4.01 4.07 22.07
N LYS A 608 4.08 3.54 23.28
CA LYS A 608 5.36 3.23 23.90
C LYS A 608 6.19 2.34 22.96
N ALA A 609 5.56 1.33 22.36
CA ALA A 609 6.26 0.44 21.45
C ALA A 609 6.90 1.21 20.28
N LEU A 610 6.16 2.17 19.73
CA LEU A 610 6.68 3.00 18.65
C LEU A 610 7.85 3.86 19.10
N LEU A 611 7.78 4.38 20.32
CA LEU A 611 8.84 5.21 20.86
C LEU A 611 10.13 4.42 21.10
N LEU A 612 10.00 3.09 21.13
CA LEU A 612 11.13 2.20 21.36
C LEU A 612 11.61 1.55 20.05
N GLY A 613 11.11 2.06 18.93
CA GLY A 613 11.51 1.57 17.63
C GLY A 613 12.57 2.46 17.01
N VAL A 614 13.64 1.84 16.51
CA VAL A 614 14.74 2.56 15.87
C VAL A 614 14.53 2.68 14.35
N PRO A 615 14.79 3.87 13.77
CA PRO A 615 14.67 4.04 12.32
C PRO A 615 15.40 2.97 11.53
N SER A 616 14.85 2.57 10.38
CA SER A 616 15.48 1.54 9.57
C SER A 616 16.71 2.09 8.89
N GLU A 617 17.55 1.19 8.40
CA GLU A 617 18.76 1.58 7.69
C GLU A 617 18.46 2.58 6.58
N ALA A 618 17.40 2.32 5.81
CA ALA A 618 17.02 3.21 4.69
C ALA A 618 16.75 4.65 5.15
N GLU A 619 16.09 4.80 6.29
CA GLU A 619 15.86 6.13 6.86
C GLU A 619 17.18 6.75 7.29
N LEU A 620 18.09 5.92 7.76
CA LEU A 620 19.33 6.41 8.32
C LEU A 620 20.28 6.91 7.23
N TRP A 621 20.28 6.28 6.06
CA TRP A 621 21.19 6.71 5.00
C TRP A 621 20.50 7.60 3.98
N ASP A 622 19.26 7.98 4.26
CA ASP A 622 18.58 8.97 3.44
C ASP A 622 19.43 10.23 3.34
N GLY A 623 19.71 10.67 2.11
CA GLY A 623 20.50 11.87 1.89
C GLY A 623 21.98 11.63 1.76
N ALA A 624 22.42 10.40 2.01
CA ALA A 624 23.85 10.07 1.94
C ALA A 624 24.26 9.64 0.52
N GLU A 625 25.55 9.82 0.24
CA GLU A 625 26.17 9.37 -1.00
C GLU A 625 27.24 8.32 -0.68
N ASN A 626 27.60 7.52 -1.66
CA ASN A 626 28.66 6.54 -1.50
C ASN A 626 28.41 5.67 -0.26
N ILE A 627 27.20 5.15 -0.18
CA ILE A 627 26.73 4.37 0.96
C ILE A 627 27.33 2.97 1.01
N ASP A 628 27.86 2.60 2.17
CA ASP A 628 28.14 1.20 2.48
C ASP A 628 27.02 0.69 3.39
N PRO A 629 26.04 -0.03 2.82
CA PRO A 629 24.87 -0.39 3.60
C PRO A 629 25.20 -1.20 4.87
N LEU A 630 26.26 -1.99 4.81
CA LEU A 630 26.63 -2.80 5.97
C LEU A 630 27.19 -1.95 7.11
N ARG A 631 27.81 -0.82 6.79
CA ARG A 631 28.26 0.09 7.83
C ARG A 631 27.05 0.65 8.58
N TYR A 632 25.99 1.03 7.85
CA TYR A 632 24.79 1.53 8.50
C TYR A 632 24.12 0.41 9.31
N HIS A 633 24.16 -0.80 8.77
CA HIS A 633 23.59 -1.96 9.47
C HIS A 633 24.34 -2.21 10.76
N GLN A 634 25.67 -2.18 10.69
CA GLN A 634 26.52 -2.40 11.86
CA GLN A 634 26.48 -2.43 11.87
C GLN A 634 26.24 -1.37 12.94
N ALA A 635 26.11 -0.11 12.54
CA ALA A 635 25.86 0.99 13.47
C ALA A 635 24.49 0.85 14.14
N ARG A 636 23.48 0.50 13.35
CA ARG A 636 22.15 0.33 13.89
C ARG A 636 22.10 -0.87 14.84
N GLU A 637 22.72 -1.97 14.41
CA GLU A 637 22.77 -3.17 15.23
C GLU A 637 23.46 -2.89 16.56
N ALA A 638 24.53 -2.11 16.53
CA ALA A 638 25.27 -1.75 17.74
C ALA A 638 24.38 -0.97 18.71
N LEU A 639 23.57 -0.07 18.17
CA LEU A 639 22.67 0.69 19.02
C LEU A 639 21.62 -0.24 19.64
N LEU A 640 21.06 -1.12 18.84
CA LEU A 640 20.04 -2.04 19.32
C LEU A 640 20.61 -2.98 20.38
N ASP A 641 21.84 -3.41 20.19
CA ASP A 641 22.48 -4.30 21.17
C ASP A 641 22.76 -3.57 22.47
N THR A 642 23.11 -2.29 22.39
CA THR A 642 23.32 -1.48 23.58
C THR A 642 22.02 -1.31 24.37
N LEU A 643 20.95 -0.98 23.68
CA LEU A 643 19.63 -0.88 24.32
C LEU A 643 19.20 -2.22 24.91
N ALA A 644 19.49 -3.30 24.20
CA ALA A 644 19.10 -4.63 24.66
C ALA A 644 19.83 -5.00 25.95
N VAL A 645 21.16 -4.92 25.92
CA VAL A 645 21.95 -5.32 27.08
C VAL A 645 21.75 -4.34 28.25
N HIS A 646 21.69 -3.04 27.95
CA HIS A 646 21.62 -2.05 29.02
C HIS A 646 20.36 -2.23 29.85
N PHE A 647 19.22 -2.37 29.20
CA PHE A 647 17.93 -2.44 29.91
C PHE A 647 17.39 -3.86 30.03
N LEU A 648 18.25 -4.88 29.93
CA LEU A 648 17.77 -6.27 29.88
C LEU A 648 16.82 -6.61 31.03
N PRO A 649 17.17 -6.24 32.27
CA PRO A 649 16.23 -6.44 33.37
C PRO A 649 14.85 -5.84 33.13
N LYS A 650 14.81 -4.63 32.57
CA LYS A 650 13.55 -3.92 32.42
C LYS A 650 12.74 -4.44 31.24
N TRP A 651 13.43 -4.98 30.23
CA TRP A 651 12.74 -5.65 29.13
C TRP A 651 11.96 -6.85 29.67
N HIS A 652 12.59 -7.61 30.55
CA HIS A 652 11.92 -8.74 31.19
C HIS A 652 10.69 -8.29 31.99
N GLU A 653 10.85 -7.22 32.77
CA GLU A 653 9.77 -6.74 33.63
C GLU A 653 8.59 -6.23 32.83
N LEU A 654 8.89 -5.49 31.76
CA LEU A 654 7.85 -4.98 30.88
C LEU A 654 7.13 -6.14 30.19
N ASN A 655 7.89 -7.17 29.84
CA ASN A 655 7.31 -8.38 29.26
C ASN A 655 6.32 -9.02 30.24
N ARG A 656 6.75 -9.16 31.49
CA ARG A 656 5.90 -9.73 32.54
C ARG A 656 4.61 -8.92 32.75
N GLN A 657 4.73 -7.60 32.82
CA GLN A 657 3.55 -6.74 32.98
C GLN A 657 2.59 -6.93 31.82
N ALA A 658 3.15 -7.05 30.62
CA ALA A 658 2.34 -7.18 29.42
C ALA A 658 1.57 -8.49 29.43
N ALA A 659 2.22 -9.54 29.91
CA ALA A 659 1.59 -10.85 29.96
C ALA A 659 0.44 -10.82 30.98
N LYS A 660 0.67 -10.15 32.09
CA LYS A 660 -0.34 -10.09 33.15
C LYS A 660 -1.55 -9.28 32.71
N GLN A 661 -1.30 -8.19 31.99
CA GLN A 661 -2.38 -7.31 31.55
C GLN A 661 -3.17 -7.88 30.38
N GLU A 662 -2.51 -8.65 29.54
CA GLU A 662 -3.19 -9.32 28.43
C GLU A 662 -4.31 -10.18 29.00
N ASN A 663 -4.02 -10.86 30.10
CA ASN A 663 -5.07 -11.54 30.86
C ASN A 663 -5.78 -12.63 30.07
N GLN A 664 -5.01 -13.43 29.35
CA GLN A 664 -5.57 -14.57 28.62
C GLN A 664 -6.63 -14.16 27.59
N SER A 665 -6.59 -12.91 27.15
CA SER A 665 -7.51 -12.43 26.13
C SER A 665 -6.84 -12.49 24.77
N TYR A 666 -6.83 -13.68 24.16
CA TYR A 666 -5.98 -13.94 23.01
C TYR A 666 -6.62 -13.56 21.68
N GLU A 667 -7.91 -13.27 21.70
CA GLU A 667 -8.57 -12.80 20.49
C GLU A 667 -8.14 -11.36 20.17
N TYR A 668 -8.37 -10.95 18.92
CA TYR A 668 -8.02 -9.60 18.53
C TYR A 668 -8.92 -8.58 19.19
N SER A 669 -8.29 -7.57 19.78
CA SER A 669 -8.96 -6.35 20.19
C SER A 669 -7.89 -5.29 20.23
N PRO A 670 -8.25 -4.01 20.02
CA PRO A 670 -7.21 -2.99 20.06
C PRO A 670 -6.47 -2.93 21.39
N GLU A 671 -7.17 -3.11 22.50
CA GLU A 671 -6.53 -3.02 23.81
C GLU A 671 -5.52 -4.15 24.02
N ALA A 672 -5.97 -5.39 23.85
CA ALA A 672 -5.08 -6.54 23.97
C ALA A 672 -3.91 -6.42 23.01
N ALA A 673 -4.18 -5.91 21.82
CA ALA A 673 -3.17 -5.85 20.78
C ALA A 673 -2.02 -4.94 21.21
N GLY A 674 -2.35 -3.86 21.91
CA GLY A 674 -1.35 -2.91 22.35
C GLY A 674 -0.34 -3.53 23.29
N TRP A 675 -0.83 -4.34 24.23
CA TRP A 675 0.02 -5.02 25.19
C TRP A 675 0.92 -6.02 24.47
N ARG A 676 0.35 -6.75 23.53
CA ARG A 676 1.11 -7.74 22.78
C ARG A 676 2.18 -7.07 21.92
N THR A 677 1.86 -5.91 21.34
CA THR A 677 2.86 -5.19 20.54
C THR A 677 4.06 -4.82 21.41
N LEU A 678 3.79 -4.31 22.60
CA LEU A 678 4.85 -3.93 23.52
C LEU A 678 5.62 -5.18 23.93
N ARG A 679 4.88 -6.24 24.23
CA ARG A 679 5.50 -7.49 24.62
C ARG A 679 6.48 -7.97 23.56
N ASN A 680 6.10 -7.85 22.29
CA ASN A 680 6.94 -8.36 21.22
C ASN A 680 8.20 -7.52 21.02
N VAL A 681 8.12 -6.22 21.32
CA VAL A 681 9.33 -5.38 21.35
C VAL A 681 10.30 -5.87 22.44
N CYS A 682 9.77 -6.17 23.61
CA CYS A 682 10.56 -6.68 24.73
C CYS A 682 11.23 -8.01 24.38
N ARG A 683 10.49 -8.90 23.73
CA ARG A 683 11.04 -10.19 23.35
C ARG A 683 12.24 -10.04 22.42
N ALA A 684 12.13 -9.12 21.46
CA ALA A 684 13.21 -8.90 20.52
C ALA A 684 14.47 -8.43 21.25
N PHE A 685 14.31 -7.51 22.21
CA PHE A 685 15.43 -7.01 22.98
C PHE A 685 16.03 -8.09 23.88
N VAL A 686 15.17 -8.85 24.55
CA VAL A 686 15.67 -9.90 25.45
C VAL A 686 16.59 -10.83 24.70
N LEU A 687 16.18 -11.26 23.51
CA LEU A 687 16.92 -12.27 22.76
C LEU A 687 18.13 -11.69 22.05
N ARG A 688 18.20 -10.37 21.97
CA ARG A 688 19.43 -9.70 21.51
C ARG A 688 20.49 -9.77 22.60
N ALA A 689 20.08 -9.49 23.83
CA ALA A 689 20.99 -9.43 24.97
C ALA A 689 21.39 -10.82 25.45
N ASP A 690 20.44 -11.76 25.42
CA ASP A 690 20.67 -13.11 25.93
C ASP A 690 20.12 -14.13 24.93
N PRO A 691 20.86 -14.39 23.85
CA PRO A 691 20.39 -15.35 22.85
C PRO A 691 20.18 -16.75 23.43
N ALA A 692 20.89 -17.10 24.48
CA ALA A 692 20.71 -18.42 25.11
C ALA A 692 19.31 -18.60 25.66
N HIS A 693 18.59 -17.49 25.85
CA HIS A 693 17.23 -17.56 26.36
C HIS A 693 16.30 -18.33 25.41
N ILE A 694 16.75 -18.52 24.17
CA ILE A 694 15.93 -19.23 23.18
C ILE A 694 15.58 -20.65 23.63
N GLU A 695 16.47 -21.28 24.40
CA GLU A 695 16.24 -22.65 24.82
C GLU A 695 15.19 -22.69 25.92
N THR A 696 15.09 -21.62 26.70
CA THR A 696 14.04 -21.52 27.71
C THR A 696 12.70 -21.28 27.00
N VAL A 697 12.72 -20.38 26.03
CA VAL A 697 11.58 -20.12 25.15
C VAL A 697 11.09 -21.43 24.52
N ALA A 698 12.02 -22.18 23.93
CA ALA A 698 11.69 -23.43 23.25
C ALA A 698 10.99 -24.42 24.19
N GLU A 699 11.48 -24.51 25.42
CA GLU A 699 10.95 -25.46 26.40
C GLU A 699 9.49 -25.17 26.73
N LYS A 700 9.10 -23.90 26.65
CA LYS A 700 7.75 -23.50 27.02
C LYS A 700 6.98 -22.95 25.82
N TYR A 701 7.36 -23.37 24.63
CA TYR A 701 6.82 -22.76 23.42
C TYR A 701 5.31 -22.95 23.33
N GLY A 702 4.85 -24.17 23.63
CA GLY A 702 3.44 -24.47 23.57
C GLY A 702 2.61 -23.56 24.47
N GLU A 703 3.09 -23.33 25.68
CA GLU A 703 2.37 -22.49 26.63
C GLU A 703 2.32 -21.04 26.13
N MSE A 704 3.34 -20.62 25.39
CA MSE A 704 3.41 -19.23 24.97
C MSE A 704 2.69 -18.97 23.65
O MSE A 704 2.27 -17.85 23.37
CB MSE A 704 4.87 -18.78 24.86
CG MSE A 704 5.56 -18.75 26.23
SE MSE A 704 7.06 -17.53 26.29
CE MSE A 704 8.24 -18.50 25.10
H MSE A 704 3.98 -21.11 25.11
HA MSE A 704 2.99 -18.68 25.66
HB2 MSE A 704 5.35 -19.41 24.30
HB3 MSE A 704 4.90 -17.89 24.49
HG2 MSE A 704 4.90 -18.47 26.89
HG3 MSE A 704 5.87 -19.64 26.43
HE1 MSE A 704 9.07 -18.01 25.02
HE2 MSE A 704 8.40 -19.38 25.47
HE3 MSE A 704 7.81 -18.58 24.23
N ALA A 705 2.53 -20.02 22.86
CA ALA A 705 1.92 -19.92 21.54
C ALA A 705 0.40 -19.90 21.65
N GLN A 706 -0.14 -18.89 22.30
CA GLN A 706 -1.58 -18.84 22.53
C GLN A 706 -2.33 -18.15 21.39
N ASN A 707 -1.59 -17.47 20.52
CA ASN A 707 -2.12 -17.00 19.24
C ASN A 707 -0.96 -16.69 18.31
N MSE A 708 -1.26 -16.31 17.07
CA MSE A 708 -0.21 -16.09 16.08
C MSE A 708 0.64 -14.84 16.36
O MSE A 708 1.81 -14.78 15.97
CB MSE A 708 -0.82 -15.98 14.68
CG MSE A 708 0.18 -15.77 13.55
SE MSE A 708 1.54 -17.14 13.46
CE MSE A 708 0.46 -18.66 12.96
H MSE A 708 -2.05 -16.16 16.78
HA MSE A 708 0.38 -16.86 16.07
HB2 MSE A 708 -1.30 -16.80 14.49
HB3 MSE A 708 -1.44 -15.24 14.67
HG2 MSE A 708 -0.30 -15.76 12.71
HG3 MSE A 708 0.62 -14.91 13.69
HE1 MSE A 708 1.03 -19.44 12.88
HE2 MSE A 708 -0.21 -18.80 13.65
HE3 MSE A 708 0.03 -18.46 12.12
N THR A 709 0.06 -13.85 17.01
CA THR A 709 0.81 -12.66 17.40
C THR A 709 1.99 -13.07 18.27
N HIS A 710 1.74 -14.03 19.16
CA HIS A 710 2.79 -14.52 20.03
C HIS A 710 3.80 -15.40 19.28
N GLU A 711 3.32 -16.34 18.46
CA GLU A 711 4.25 -17.19 17.71
C GLU A 711 5.12 -16.35 16.77
N TRP A 712 4.50 -15.46 16.02
CA TRP A 712 5.25 -14.56 15.15
C TRP A 712 6.21 -13.68 15.94
N GLY A 713 5.72 -13.11 17.03
CA GLY A 713 6.56 -12.27 17.88
C GLY A 713 7.80 -13.01 18.37
N ILE A 714 7.61 -14.25 18.81
CA ILE A 714 8.72 -15.07 19.29
C ILE A 714 9.67 -15.47 18.15
N LEU A 715 9.11 -15.97 17.05
CA LEU A 715 9.94 -16.41 15.93
C LEU A 715 10.68 -15.23 15.33
N SER A 716 10.05 -14.07 15.30
CA SER A 716 10.72 -12.85 14.83
CA SER A 716 10.72 -12.86 14.81
C SER A 716 11.91 -12.51 15.71
N ALA A 717 11.71 -12.63 17.03
CA ALA A 717 12.74 -12.32 18.00
C ALA A 717 13.97 -13.23 17.90
N VAL A 718 13.77 -14.50 17.59
CA VAL A 718 14.88 -15.45 17.52
C VAL A 718 15.44 -15.63 16.11
N ASN A 719 14.82 -14.98 15.13
CA ASN A 719 15.08 -15.30 13.73
C ASN A 719 16.54 -15.12 13.33
N GLY A 720 17.23 -14.18 13.95
CA GLY A 720 18.65 -13.96 13.68
C GLY A 720 19.60 -14.75 14.55
N ASN A 721 19.04 -15.53 15.49
CA ASN A 721 19.82 -16.33 16.44
C ASN A 721 20.61 -17.43 15.72
N GLU A 722 21.87 -17.59 16.07
CA GLU A 722 22.72 -18.57 15.39
C GLU A 722 22.59 -19.97 15.99
N SER A 723 21.75 -20.11 17.00
CA SER A 723 21.49 -21.41 17.59
C SER A 723 20.76 -22.32 16.61
N ASP A 724 21.02 -23.62 16.73
CA ASP A 724 20.30 -24.62 15.94
C ASP A 724 18.82 -24.62 16.32
N THR A 725 18.53 -24.18 17.54
CA THR A 725 17.16 -24.12 18.02
C THR A 725 16.29 -23.21 17.16
N ARG A 726 16.87 -22.14 16.61
CA ARG A 726 16.14 -21.27 15.72
C ARG A 726 15.62 -22.06 14.53
N ASN A 727 16.48 -22.88 13.94
CA ASN A 727 16.12 -23.68 12.78
C ASN A 727 15.04 -24.70 13.17
N ARG A 728 15.17 -25.28 14.35
CA ARG A 728 14.20 -26.29 14.79
C ARG A 728 12.82 -25.67 15.00
N LEU A 729 12.77 -24.51 15.64
CA LEU A 729 11.50 -23.83 15.88
C LEU A 729 10.83 -23.45 14.56
N LEU A 730 11.61 -23.00 13.58
CA LEU A 730 11.06 -22.65 12.28
CA LEU A 730 11.04 -22.64 12.30
C LEU A 730 10.48 -23.88 11.60
N ALA A 731 11.22 -24.98 11.67
CA ALA A 731 10.78 -26.22 11.03
C ALA A 731 9.50 -26.74 11.68
N GLN A 732 9.39 -26.58 13.00
CA GLN A 732 8.20 -27.00 13.72
CA GLN A 732 8.20 -26.99 13.73
C GLN A 732 7.01 -26.12 13.34
N PHE A 733 7.27 -24.83 13.12
CA PHE A 733 6.26 -23.88 12.66
C PHE A 733 5.70 -24.29 11.29
N ALA A 734 6.60 -24.56 10.35
CA ALA A 734 6.21 -25.00 9.02
C ALA A 734 5.37 -26.29 9.06
N ASP A 735 5.75 -27.21 9.95
CA ASP A 735 5.03 -28.46 10.07
C ASP A 735 3.64 -28.25 10.68
N LYS A 736 3.56 -27.42 11.71
CA LYS A 736 2.30 -27.14 12.37
C LYS A 736 1.26 -26.51 11.44
N PHE A 737 1.72 -25.59 10.59
CA PHE A 737 0.83 -24.79 9.76
C PHE A 737 1.01 -25.09 8.26
N SER A 738 1.48 -26.29 7.95
CA SER A 738 1.78 -26.65 6.56
C SER A 738 0.59 -26.46 5.63
N ASP A 739 -0.62 -26.66 6.15
CA ASP A 739 -1.83 -26.59 5.33
C ASP A 739 -2.47 -25.20 5.31
N ASP A 740 -1.82 -24.21 5.91
CA ASP A 740 -2.32 -22.84 5.92
CA ASP A 740 -2.32 -22.83 5.94
C ASP A 740 -1.41 -21.93 5.10
N ALA A 741 -1.84 -21.63 3.87
CA ALA A 741 -0.98 -20.90 2.93
C ALA A 741 -0.52 -19.56 3.46
N LEU A 742 -1.38 -18.86 4.21
CA LEU A 742 -1.04 -17.52 4.68
C LEU A 742 0.00 -17.59 5.80
N VAL A 743 -0.01 -18.67 6.57
CA VAL A 743 1.00 -18.86 7.60
C VAL A 743 2.31 -19.33 6.97
N MSE A 744 2.22 -20.13 5.91
CA MSE A 744 3.45 -20.53 5.22
C MSE A 744 4.14 -19.30 4.62
O MSE A 744 5.37 -19.28 4.52
CB MSE A 744 3.15 -21.57 4.14
CG MSE A 744 2.78 -22.94 4.67
SE MSE A 744 4.08 -23.66 5.93
CE MSE A 744 5.66 -23.68 4.84
H MSE A 744 1.50 -20.44 5.58
HA MSE A 744 4.05 -20.93 5.86
HB2 MSE A 744 2.42 -21.25 3.59
HB3 MSE A 744 3.95 -21.67 3.59
HG2 MSE A 744 1.94 -22.88 5.13
HG3 MSE A 744 2.72 -23.55 3.93
HE1 MSE A 744 6.40 -24.04 5.36
HE2 MSE A 744 5.51 -24.25 4.06
HE3 MSE A 744 5.86 -22.77 4.55
N ASP A 745 3.37 -18.28 4.25
CA ASP A 745 3.95 -17.02 3.80
C ASP A 745 4.83 -16.42 4.90
N LYS A 746 4.35 -16.50 6.14
CA LYS A 746 5.12 -16.01 7.28
C LYS A 746 6.40 -16.80 7.45
N TYR A 747 6.31 -18.12 7.29
CA TYR A 747 7.49 -18.96 7.39
C TYR A 747 8.55 -18.50 6.39
N PHE A 748 8.13 -18.32 5.14
CA PHE A 748 9.07 -17.96 4.09
C PHE A 748 9.64 -16.54 4.31
N ALA A 749 8.84 -15.66 4.88
CA ALA A 749 9.31 -14.33 5.23
C ALA A 749 10.44 -14.38 6.26
N LEU A 750 10.29 -15.26 7.25
CA LEU A 750 11.31 -15.46 8.26
C LEU A 750 12.59 -16.04 7.66
N VAL A 751 12.45 -17.02 6.76
CA VAL A 751 13.60 -17.57 6.07
C VAL A 751 14.38 -16.47 5.34
N GLY A 752 13.66 -15.62 4.63
CA GLY A 752 14.28 -14.62 3.78
C GLY A 752 14.87 -13.44 4.53
N SER A 753 14.32 -13.13 5.70
CA SER A 753 14.68 -11.91 6.42
C SER A 753 15.72 -12.10 7.53
N SER A 754 16.14 -13.34 7.76
CA SER A 754 17.06 -13.64 8.85
C SER A 754 18.43 -13.00 8.70
N ARG A 755 18.93 -12.45 9.80
CA ARG A 755 20.27 -11.86 9.84
C ARG A 755 21.37 -12.90 10.07
N ARG A 756 20.99 -14.17 10.27
CA ARG A 756 21.98 -15.26 10.34
C ARG A 756 22.93 -15.22 9.15
N SER A 757 24.12 -15.78 9.31
CA SER A 757 25.11 -15.74 8.22
C SER A 757 24.72 -16.63 7.03
N ASP A 758 23.91 -17.65 7.26
CA ASP A 758 23.63 -18.66 6.24
C ASP A 758 22.31 -18.45 5.48
N THR A 759 21.78 -17.23 5.50
CA THR A 759 20.47 -16.98 4.92
C THR A 759 20.38 -17.26 3.42
N LEU A 760 21.42 -16.95 2.64
CA LEU A 760 21.30 -17.17 1.20
C LEU A 760 21.05 -18.65 0.91
N GLN A 761 21.79 -19.55 1.54
CA GLN A 761 21.61 -20.97 1.22
C GLN A 761 20.29 -21.51 1.78
N GLN A 762 19.82 -20.98 2.91
CA GLN A 762 18.51 -21.38 3.43
C GLN A 762 17.40 -20.89 2.49
N VAL A 763 17.60 -19.72 1.90
CA VAL A 763 16.61 -19.19 0.96
C VAL A 763 16.55 -20.06 -0.28
N ARG A 764 17.72 -20.52 -0.74
CA ARG A 764 17.77 -21.33 -1.95
C ARG A 764 17.14 -22.70 -1.70
N THR A 765 17.32 -23.23 -0.49
CA THR A 765 16.65 -24.46 -0.09
C THR A 765 15.13 -24.24 -0.05
N ALA A 766 14.71 -23.09 0.48
CA ALA A 766 13.29 -22.76 0.58
C ALA A 766 12.59 -22.68 -0.78
N LEU A 767 13.34 -22.28 -1.82
CA LEU A 767 12.79 -22.27 -3.18
C LEU A 767 12.23 -23.63 -3.59
N GLN A 768 12.74 -24.68 -2.96
CA GLN A 768 12.40 -26.05 -3.31
C GLN A 768 11.47 -26.70 -2.28
N HIS A 769 11.00 -25.89 -1.33
CA HIS A 769 10.07 -26.37 -0.33
C HIS A 769 8.78 -26.78 -1.05
N PRO A 770 8.17 -27.91 -0.65
CA PRO A 770 6.97 -28.34 -1.38
C PRO A 770 5.80 -27.33 -1.31
N LYS A 771 5.79 -26.45 -0.33
CA LYS A 771 4.73 -25.44 -0.24
C LYS A 771 5.11 -24.12 -0.90
N PHE A 772 6.34 -23.99 -1.40
CA PHE A 772 6.72 -22.80 -2.13
C PHE A 772 6.33 -22.89 -3.59
N SER A 773 5.83 -21.78 -4.12
CA SER A 773 5.58 -21.67 -5.55
C SER A 773 5.98 -20.30 -6.05
N LEU A 774 6.93 -20.26 -6.98
CA LEU A 774 7.42 -18.99 -7.51
C LEU A 774 6.32 -18.23 -8.24
N GLU A 775 5.38 -18.99 -8.81
CA GLU A 775 4.30 -18.39 -9.61
C GLU A 775 3.16 -17.86 -8.73
N ASN A 776 3.31 -17.98 -7.42
CA ASN A 776 2.35 -17.40 -6.48
C ASN A 776 2.92 -16.10 -5.90
N PRO A 777 2.27 -14.96 -6.18
CA PRO A 777 2.84 -13.69 -5.71
C PRO A 777 3.08 -13.60 -4.21
N ASN A 778 2.15 -14.08 -3.38
CA ASN A 778 2.37 -14.04 -1.93
C ASN A 778 3.65 -14.78 -1.52
N LYS A 779 3.87 -15.96 -2.08
CA LYS A 779 5.07 -16.73 -1.78
C LYS A 779 6.33 -16.06 -2.31
N ALA A 780 6.30 -15.64 -3.57
CA ALA A 780 7.46 -14.99 -4.17
C ALA A 780 7.88 -13.76 -3.38
N ARG A 781 6.90 -12.94 -3.02
CA ARG A 781 7.16 -11.74 -2.23
C ARG A 781 7.70 -12.08 -0.85
N SER A 782 7.07 -13.04 -0.18
CA SER A 782 7.48 -13.43 1.16
C SER A 782 8.94 -13.85 1.24
N LEU A 783 9.35 -14.75 0.35
CA LEU A 783 10.70 -15.27 0.40
C LEU A 783 11.71 -14.37 -0.30
N ILE A 784 11.48 -14.11 -1.58
CA ILE A 784 12.44 -13.39 -2.40
CA ILE A 784 12.44 -13.39 -2.40
C ILE A 784 12.39 -11.89 -2.10
N GLY A 785 11.18 -11.37 -1.96
CA GLY A 785 11.00 -9.97 -1.59
C GLY A 785 11.70 -9.69 -0.28
N SER A 786 11.49 -10.54 0.71
CA SER A 786 12.10 -10.35 2.02
C SER A 786 13.62 -10.38 1.95
N PHE A 787 14.17 -11.30 1.17
CA PHE A 787 15.61 -11.37 1.00
C PHE A 787 16.14 -10.08 0.39
N SER A 788 15.40 -9.53 -0.57
CA SER A 788 15.86 -8.35 -1.30
C SER A 788 15.89 -7.13 -0.39
N ARG A 789 15.17 -7.21 0.72
CA ARG A 789 15.15 -6.13 1.71
C ARG A 789 16.02 -6.46 2.92
N ASN A 790 16.69 -7.61 2.87
CA ASN A 790 17.57 -8.07 3.96
C ASN A 790 18.95 -7.44 3.80
N VAL A 791 19.19 -6.34 4.51
CA VAL A 791 20.33 -5.47 4.20
C VAL A 791 21.69 -6.17 4.20
N PRO A 792 22.04 -6.89 5.28
CA PRO A 792 23.38 -7.50 5.25
C PRO A 792 23.57 -8.55 4.14
N HIS A 793 22.48 -9.15 3.67
CA HIS A 793 22.59 -10.22 2.69
C HIS A 793 22.39 -9.75 1.26
N PHE A 794 21.37 -8.94 1.01
CA PHE A 794 21.17 -8.35 -0.30
C PHE A 794 22.41 -7.52 -0.68
N HIS A 795 22.95 -6.78 0.28
CA HIS A 795 24.10 -5.91 0.01
C HIS A 795 25.43 -6.57 0.39
N ALA A 796 25.47 -7.90 0.42
CA ALA A 796 26.71 -8.62 0.67
C ALA A 796 27.82 -8.13 -0.25
N GLU A 797 29.01 -7.93 0.29
CA GLU A 797 30.10 -7.35 -0.48
C GLU A 797 30.49 -8.21 -1.69
N ASP A 798 30.37 -9.53 -1.58
CA ASP A 798 30.75 -10.41 -2.68
C ASP A 798 29.76 -10.34 -3.86
N GLY A 799 28.64 -9.66 -3.68
CA GLY A 799 27.67 -9.49 -4.74
C GLY A 799 26.68 -10.65 -4.90
N SER A 800 26.74 -11.62 -3.99
CA SER A 800 25.87 -12.80 -4.11
C SER A 800 24.39 -12.43 -4.01
N GLY A 801 24.09 -11.40 -3.24
CA GLY A 801 22.71 -10.97 -3.07
C GLY A 801 22.18 -10.31 -4.32
N TYR A 802 23.00 -9.48 -4.94
CA TYR A 802 22.62 -8.83 -6.19
C TYR A 802 22.41 -9.85 -7.29
N ARG A 803 23.33 -10.81 -7.41
CA ARG A 803 23.21 -11.80 -8.48
C ARG A 803 21.97 -12.66 -8.29
N PHE A 804 21.69 -13.04 -7.04
CA PHE A 804 20.53 -13.88 -6.76
C PHE A 804 19.23 -13.16 -7.12
N ILE A 805 19.08 -11.92 -6.68
CA ILE A 805 17.85 -11.19 -6.97
C ILE A 805 17.73 -10.91 -8.48
N ALA A 806 18.83 -10.63 -9.17
CA ALA A 806 18.75 -10.40 -10.61
C ALA A 806 18.32 -11.69 -11.33
N ASP A 807 18.81 -12.83 -10.85
CA ASP A 807 18.37 -14.12 -11.36
C ASP A 807 16.87 -14.27 -11.23
N LYS A 808 16.31 -13.86 -10.09
CA LYS A 808 14.89 -14.10 -9.85
C LYS A 808 14.03 -13.08 -10.60
N VAL A 809 14.53 -11.86 -10.78
CA VAL A 809 13.83 -10.89 -11.62
C VAL A 809 13.68 -11.46 -13.03
N ILE A 810 14.78 -12.01 -13.55
CA ILE A 810 14.79 -12.59 -14.88
C ILE A 810 13.82 -13.77 -14.98
N GLU A 811 13.84 -14.66 -13.99
CA GLU A 811 12.98 -15.83 -13.99
C GLU A 811 11.50 -15.48 -13.86
N ILE A 812 11.18 -14.61 -12.89
CA ILE A 812 9.80 -14.23 -12.63
C ILE A 812 9.22 -13.44 -13.80
N ASP A 813 10.04 -12.60 -14.44
CA ASP A 813 9.54 -11.78 -15.53
C ASP A 813 9.00 -12.61 -16.69
N ARG A 814 9.40 -13.87 -16.76
CA ARG A 814 8.94 -14.74 -17.83
C ARG A 814 7.45 -15.09 -17.71
N PHE A 815 6.86 -14.92 -16.54
CA PHE A 815 5.44 -15.19 -16.39
C PHE A 815 4.66 -14.10 -15.63
N ASN A 816 5.32 -13.29 -14.80
CA ASN A 816 4.62 -12.22 -14.08
C ASN A 816 5.46 -10.95 -13.97
N PRO A 817 5.40 -10.11 -15.01
CA PRO A 817 6.20 -8.87 -15.04
C PRO A 817 5.89 -7.91 -13.88
N GLN A 818 4.70 -7.96 -13.32
CA GLN A 818 4.36 -7.04 -12.22
C GLN A 818 5.14 -7.34 -10.97
N VAL A 819 5.21 -8.62 -10.62
CA VAL A 819 5.98 -9.04 -9.46
C VAL A 819 7.47 -8.74 -9.71
N ALA A 820 7.92 -9.00 -10.94
CA ALA A 820 9.33 -8.79 -11.29
C ALA A 820 9.72 -7.31 -11.27
N ALA A 821 8.80 -6.44 -11.70
CA ALA A 821 9.07 -5.00 -11.77
C ALA A 821 9.11 -4.36 -10.39
N ARG A 822 8.38 -4.92 -9.44
CA ARG A 822 8.48 -4.44 -8.07
C ARG A 822 9.78 -4.96 -7.46
N LEU A 823 10.12 -6.21 -7.73
CA LEU A 823 11.30 -6.82 -7.14
C LEU A 823 12.59 -6.10 -7.58
N VAL A 824 12.65 -5.71 -8.85
CA VAL A 824 13.87 -5.15 -9.40
C VAL A 824 14.16 -3.79 -8.77
N GLN A 825 13.14 -3.19 -8.13
CA GLN A 825 13.35 -1.90 -7.49
C GLN A 825 14.15 -2.04 -6.20
N ALA A 826 14.52 -3.26 -5.83
CA ALA A 826 15.51 -3.48 -4.78
C ALA A 826 16.82 -2.80 -5.16
N PHE A 827 17.04 -2.62 -6.46
CA PHE A 827 18.28 -2.03 -6.97
C PHE A 827 18.25 -0.51 -7.09
N ASN A 828 17.16 0.12 -6.62
CA ASN A 828 16.99 1.56 -6.79
C ASN A 828 18.12 2.40 -6.18
N LEU A 829 18.78 1.89 -5.16
CA LEU A 829 19.81 2.66 -4.45
C LEU A 829 21.12 2.76 -5.24
N CYS A 830 21.22 2.00 -6.32
CA CYS A 830 22.41 1.93 -7.19
C CYS A 830 23.36 3.13 -7.16
N ASN A 831 22.91 4.28 -7.68
CA ASN A 831 23.77 5.46 -7.83
C ASN A 831 24.33 5.99 -6.51
N LYS A 832 23.69 5.64 -5.40
CA LYS A 832 24.08 6.16 -4.10
C LYS A 832 25.02 5.21 -3.34
N LEU A 833 25.28 4.04 -3.92
CA LEU A 833 26.18 3.06 -3.30
C LEU A 833 27.65 3.39 -3.49
N GLU A 834 28.47 2.93 -2.55
CA GLU A 834 29.91 3.03 -2.69
C GLU A 834 30.34 2.25 -3.94
N PRO A 835 31.52 2.58 -4.49
CA PRO A 835 31.90 2.15 -5.85
C PRO A 835 31.89 0.64 -6.09
N HIS A 836 32.32 -0.16 -5.13
CA HIS A 836 32.39 -1.61 -5.33
C HIS A 836 31.01 -2.21 -5.56
N ARG A 837 30.08 -1.93 -4.65
CA ARG A 837 28.72 -2.42 -4.78
C ARG A 837 28.00 -1.80 -5.97
N LYS A 838 28.29 -0.53 -6.25
CA LYS A 838 27.65 0.14 -7.36
C LYS A 838 27.97 -0.59 -8.66
N ASN A 839 29.24 -0.93 -8.82
CA ASN A 839 29.69 -1.68 -9.99
C ASN A 839 28.92 -2.99 -10.16
N LEU A 840 28.74 -3.70 -9.07
CA LEU A 840 28.06 -4.98 -9.09
C LEU A 840 26.57 -4.84 -9.37
N VAL A 841 25.94 -3.79 -8.84
CA VAL A 841 24.53 -3.57 -9.11
C VAL A 841 24.31 -3.23 -10.59
N LYS A 842 25.20 -2.41 -11.17
CA LYS A 842 25.05 -2.07 -12.58
C LYS A 842 25.24 -3.30 -13.47
N GLN A 843 26.15 -4.21 -13.08
CA GLN A 843 26.33 -5.46 -13.82
C GLN A 843 25.05 -6.28 -13.79
N ALA A 844 24.42 -6.34 -12.62
CA ALA A 844 23.16 -7.07 -12.46
C ALA A 844 22.07 -6.48 -13.36
N LEU A 845 21.91 -5.15 -13.30
CA LEU A 845 20.92 -4.46 -14.13
C LEU A 845 21.21 -4.60 -15.63
N GLN A 846 22.48 -4.55 -16.02
CA GLN A 846 22.81 -4.74 -17.44
C GLN A 846 22.42 -6.15 -17.89
N ARG A 847 22.61 -7.13 -17.01
CA ARG A 847 22.30 -8.51 -17.36
C ARG A 847 20.79 -8.70 -17.49
N ILE A 848 20.03 -8.03 -16.63
CA ILE A 848 18.58 -8.03 -16.75
C ILE A 848 18.16 -7.40 -18.09
N ARG A 849 18.69 -6.22 -18.38
CA ARG A 849 18.38 -5.54 -19.64
C ARG A 849 18.73 -6.40 -20.86
N ALA A 850 19.75 -7.24 -20.75
CA ALA A 850 20.23 -8.03 -21.89
C ALA A 850 19.34 -9.23 -22.22
N GLN A 851 18.32 -9.47 -21.41
CA GLN A 851 17.42 -10.60 -21.64
C GLN A 851 16.49 -10.40 -22.84
N GLU A 852 16.45 -11.38 -23.72
CA GLU A 852 15.46 -11.40 -24.79
C GLU A 852 14.06 -11.42 -24.18
N GLY A 853 13.18 -10.58 -24.72
CA GLY A 853 11.78 -10.60 -24.36
C GLY A 853 11.47 -9.99 -23.00
N LEU A 854 12.41 -9.22 -22.47
CA LEU A 854 12.20 -8.55 -21.19
C LEU A 854 10.95 -7.69 -21.26
N SER A 855 10.13 -7.75 -20.22
CA SER A 855 8.86 -7.03 -20.24
C SER A 855 9.08 -5.53 -20.32
N LYS A 856 8.05 -4.83 -20.80
CA LYS A 856 8.04 -3.38 -20.76
C LYS A 856 8.08 -2.90 -19.30
N ASP A 857 7.39 -3.64 -18.42
CA ASP A 857 7.35 -3.31 -16.99
C ASP A 857 8.75 -3.18 -16.39
N VAL A 858 9.54 -4.24 -16.50
CA VAL A 858 10.87 -4.27 -15.90
C VAL A 858 11.81 -3.35 -16.67
N GLY A 859 11.65 -3.28 -17.98
CA GLY A 859 12.49 -2.43 -18.81
C GLY A 859 12.39 -0.97 -18.42
N GLU A 860 11.18 -0.50 -18.16
CA GLU A 860 10.98 0.88 -17.73
C GLU A 860 11.77 1.19 -16.45
N ILE A 861 11.67 0.31 -15.45
CA ILE A 861 12.36 0.52 -14.18
C ILE A 861 13.87 0.49 -14.37
N VAL A 862 14.35 -0.52 -15.08
CA VAL A 862 15.79 -0.69 -15.25
C VAL A 862 16.37 0.53 -15.96
N GLY A 863 15.64 1.05 -16.95
CA GLY A 863 16.07 2.24 -17.65
C GLY A 863 16.19 3.44 -16.73
N LYS A 864 15.28 3.57 -15.78
CA LYS A 864 15.31 4.71 -14.85
C LYS A 864 16.53 4.62 -13.95
N ILE A 865 16.88 3.41 -13.53
CA ILE A 865 18.00 3.22 -12.65
C ILE A 865 19.32 3.36 -13.43
N LEU A 866 19.41 2.64 -14.54
CA LEU A 866 20.66 2.59 -15.32
C LEU A 866 20.99 3.85 -16.09
N ASP A 867 20.03 4.37 -16.83
CA ASP A 867 20.30 5.44 -17.77
C ASP A 867 20.11 6.82 -17.14
ZN ZN B . -7.62 1.35 -4.00
S SO4 C . 6.34 -4.77 -2.87
O1 SO4 C . 5.73 -3.58 -2.27
O2 SO4 C . 7.74 -4.50 -3.19
O3 SO4 C . 6.25 -5.89 -1.93
O4 SO4 C . 5.62 -5.11 -4.11
S SO4 D . 14.43 -4.50 14.19
O1 SO4 D . 13.98 -3.11 14.19
O2 SO4 D . 15.70 -4.63 13.47
O3 SO4 D . 14.62 -4.94 15.59
O4 SO4 D . 13.44 -5.35 13.54
S SO4 E . 19.15 15.99 13.14
O1 SO4 E . 19.90 14.85 13.63
O2 SO4 E . 19.99 16.78 12.24
O3 SO4 E . 18.73 16.82 14.26
O4 SO4 E . 17.97 15.53 12.40
S SO4 F . -35.86 -8.39 -3.70
O1 SO4 F . -35.87 -7.44 -2.60
O2 SO4 F . -35.38 -7.71 -4.91
O3 SO4 F . -34.94 -9.48 -3.37
O4 SO4 F . -37.19 -8.92 -3.92
S SO4 G . -9.01 4.42 21.95
O1 SO4 G . -7.69 5.05 21.98
O2 SO4 G . -9.95 5.33 21.30
O3 SO4 G . -9.44 4.14 23.31
O4 SO4 G . -8.93 3.18 21.18
S SO4 H . -21.54 24.52 -9.34
O1 SO4 H . -20.60 24.43 -8.23
O2 SO4 H . -21.29 25.76 -10.07
O3 SO4 H . -22.90 24.53 -8.80
O4 SO4 H . -21.40 23.39 -10.25
S SO4 I . -21.97 -23.36 0.68
O1 SO4 I . -22.55 -22.55 -0.40
O2 SO4 I . -21.07 -22.55 1.52
O3 SO4 I . -21.23 -24.47 0.08
O4 SO4 I . -23.05 -23.89 1.51
S SO4 J . -34.85 -1.54 -6.57
O1 SO4 J . -34.13 -0.95 -7.70
O2 SO4 J . -35.00 -0.55 -5.51
O3 SO4 J . -36.17 -1.99 -7.00
O4 SO4 J . -34.10 -2.69 -6.06
S SO4 K . -3.01 -26.58 17.98
O1 SO4 K . -3.40 -25.18 17.85
O2 SO4 K . -1.83 -26.67 18.85
O3 SO4 K . -2.69 -27.13 16.67
O4 SO4 K . -4.11 -27.34 18.58
S SO4 L . 13.83 -8.51 -27.51
O1 SO4 L . 12.98 -7.32 -27.59
O2 SO4 L . 15.13 -8.22 -28.12
O3 SO4 L . 13.18 -9.60 -28.25
O4 SO4 L . 14.01 -8.89 -26.12
N1 5HR M . -5.15 -3.31 -6.81
C20 5HR M . -4.59 -4.48 -9.01
C21 5HR M . -4.06 -3.39 -9.77
C22 5HR M . -3.13 -3.61 -10.81
C24 5HR M . -3.23 -6.03 -10.38
O10 5HR M . -5.87 0.24 -4.50
P4 5HR M . -6.66 -1.05 -4.59
O8 5HR M . -5.97 -2.21 -3.95
O9 5HR M . -8.11 -0.86 -4.07
C3 5HR M . -6.90 -1.50 -6.47
N6 5HR M . -7.55 -0.37 -7.18
C2 5HR M . -5.57 -1.86 -7.13
C1 5HR M . -5.62 -4.30 -7.84
C25 5HR M . -4.17 -5.79 -9.32
C23 5HR M . -2.72 -4.94 -11.12
H11 5HR M . -5.51 -3.52 -6.02
H211 5HR M . -4.28 -2.50 -9.62
H221 5HR M . -2.82 -2.87 -11.27
H241 5HR M . -2.94 -6.87 -10.63
H31 5HR M . -7.50 -2.28 -6.52
H62 5HR M . -8.34 -0.57 -7.53
H22 5HR M . -4.86 -1.27 -6.82
H21 5HR M . -5.58 -1.78 -8.09
H12 5HR M . -6.47 -4.01 -8.20
H13 5HR M . -5.83 -5.11 -7.37
H251 5HR M . -4.53 -6.48 -8.81
H231 5HR M . -2.11 -5.15 -11.80
C1 GOL N . -31.13 -0.64 -3.87
O1 GOL N . -31.54 -1.82 -3.22
C2 GOL N . -30.10 0.04 -3.00
O2 GOL N . -30.45 1.38 -2.73
C3 GOL N . -29.94 -0.73 -1.70
O3 GOL N . -29.07 -0.01 -0.86
H11 GOL N . -31.99 0.02 -4.01
H12 GOL N . -30.72 -0.88 -4.85
HO1 GOL N . -32.26 -2.25 -3.73
H2 GOL N . -29.14 0.01 -3.53
HO2 GOL N . -31.29 1.40 -2.24
H31 GOL N . -29.54 -1.72 -1.90
H32 GOL N . -30.91 -0.85 -1.22
HO3 GOL N . -28.62 -0.65 -0.25
C1 GOL O . 12.52 31.75 31.62
O1 GOL O . 13.01 32.87 30.91
C2 GOL O . 11.20 32.08 32.29
O2 GOL O . 10.45 32.97 31.49
C3 GOL O . 10.41 30.81 32.52
O3 GOL O . 11.30 29.79 32.90
H11 GOL O . 13.25 31.43 32.36
H12 GOL O . 12.37 30.92 30.92
HO1 GOL O . 13.89 32.66 30.54
H2 GOL O . 11.41 32.56 33.26
HO2 GOL O . 10.25 32.55 30.63
H31 GOL O . 9.87 30.54 31.62
H32 GOL O . 9.67 30.98 33.32
HO3 GOL O . 10.87 28.92 32.77
C1 GOL P . 3.75 -7.77 12.63
O1 GOL P . 3.35 -8.10 13.94
C2 GOL P . 4.82 -6.68 12.65
O2 GOL P . 5.52 -6.72 13.87
C3 GOL P . 4.16 -5.34 12.44
O3 GOL P . 3.17 -5.11 13.43
H11 GOL P . 2.89 -7.41 12.06
H12 GOL P . 4.13 -8.66 12.13
HO1 GOL P . 2.61 -8.75 13.90
H2 GOL P . 5.50 -6.88 11.82
HO2 GOL P . 6.21 -6.02 13.87
H31 GOL P . 3.69 -5.29 11.46
H32 GOL P . 4.90 -4.54 12.49
HO3 GOL P . 2.88 -4.19 13.41
C1 GOL Q . -28.81 7.64 -5.85
O1 GOL Q . -27.85 8.01 -4.88
C2 GOL Q . -28.27 6.48 -6.68
O2 GOL Q . -27.99 5.36 -5.87
C3 GOL Q . -29.22 6.13 -7.82
O3 GOL Q . -28.52 6.26 -9.04
H11 GOL Q . -29.01 8.50 -6.50
H12 GOL Q . -29.74 7.35 -5.37
HO1 GOL Q . -28.16 8.80 -4.39
H2 GOL Q . -27.33 6.82 -7.14
HO2 GOL Q . -28.82 5.02 -5.49
H31 GOL Q . -30.08 6.79 -7.80
H32 GOL Q . -29.57 5.10 -7.70
HO3 GOL Q . -28.03 5.44 -9.23
N1 IMD R . -24.29 -13.39 -27.02
C2 IMD R . -23.32 -12.47 -27.14
N3 IMD R . -23.42 -11.60 -26.11
C4 IMD R . -24.45 -11.98 -25.36
C5 IMD R . -24.99 -13.10 -25.94
HN1 IMD R . -24.43 -14.06 -27.55
H2 IMD R . -22.68 -12.43 -27.81
HN3 IMD R . -22.92 -10.92 -25.96
H4 IMD R . -24.75 -11.56 -24.60
H5 IMD R . -25.72 -13.57 -25.61
#